data_2XFG
#
_entry.id   2XFG
#
_cell.length_a   70.399
_cell.length_b   88.541
_cell.length_c   106.486
_cell.angle_alpha   90.00
_cell.angle_beta   90.00
_cell.angle_gamma   90.00
#
_symmetry.space_group_name_H-M   'P 21 21 21'
#
loop_
_entity.id
_entity.type
_entity.pdbx_description
1 polymer 'ENDOGLUCANASE 1'
2 polymer 'ENDOGLUCANASE 1'
3 non-polymer 'CALCIUM ION'
4 non-polymer 'CHLORIDE ION'
5 water water
#
loop_
_entity_poly.entity_id
_entity_poly.type
_entity_poly.pdbx_seq_one_letter_code
_entity_poly.pdbx_strand_id
1 'polypeptide(L)'
;MENKNGGYLPEEEIPDQPPATGAFNYGEALQKAIFFYECQRSGKLDSSTLRLNWRGDSGLDDGKDAGIDLTGGWYDAGDH
VKFNLPMSYSAAMLGWAVYEYEDAFKQSGQYNHILNNIKWACDYFIKCHPEKDVYYYQVGDGHADHAWWGPAEVMPMERP
SYKVDRSSPGSTVVAETSAALAIASIIFKKVDGEYSKECLKHAKELFEFADTTKSDDGYTAANGFYNSWSGFYDELSWAA
VWLYLATNDSSYLDKAESYSDKWGYEPQTNIPKYKWAQCWDDVTYGTYLLLARIKNDNGKYKEAIERHLDWWTTGYNGER
ITYTPKGLAWLDQWGSLRYATTTAFLACVYSDWENGDKEKAKTYLEFARSQADYALGSTGRSFVVGFGENPPKRPHHRTA
HGSWADSQMEPPEHRHVLYGALVGGPDSTDNYTDDISNYTCNEVACDYNAGFVGLLAKMYKLYGEL
;
A
2 'polypeptide(L)'
;MGSPDPKFNGIEEVPEDEIFVEAGVNASGNNFIEIKAIVNNKSGWPARVCENLSFRYFINIEEIVNAGKSASDLQVSSSY
NQGAKLSDVKHYKDNIYYVEVDLSGTKIYPGGQSAYKKEVQFRISAPEGTVFNPENDYSYQGLSAGTVVKSEYIPVYDAG
VLVFGREPLEHHHHHH
;
B
#
# COMPACT_ATOMS: atom_id res chain seq x y z
N THR A 21 -27.40 -0.20 -20.27
CA THR A 21 -26.25 -0.81 -19.53
C THR A 21 -25.00 0.05 -19.64
N GLY A 22 -24.07 -0.11 -18.70
CA GLY A 22 -24.11 -1.20 -17.73
C GLY A 22 -24.75 -0.85 -16.42
N ALA A 23 -24.60 -1.74 -15.46
CA ALA A 23 -25.27 -1.63 -14.18
C ALA A 23 -24.49 -0.81 -13.17
N PHE A 24 -23.19 -0.61 -13.42
CA PHE A 24 -22.35 0.15 -12.49
C PHE A 24 -21.40 1.01 -13.28
N ASN A 25 -20.81 2.00 -12.60
CA ASN A 25 -19.89 2.91 -13.23
C ASN A 25 -18.49 2.25 -13.31
N TYR A 26 -18.26 1.52 -14.41
CA TYR A 26 -16.99 0.79 -14.54
C TYR A 26 -15.81 1.71 -14.65
N GLY A 27 -16.01 2.86 -15.27
CA GLY A 27 -14.94 3.84 -15.39
C GLY A 27 -14.46 4.35 -14.05
N GLU A 28 -15.40 4.72 -13.17
CA GLU A 28 -15.06 5.07 -11.79
C GLU A 28 -14.36 3.91 -11.03
N ALA A 29 -14.91 2.71 -11.09
CA ALA A 29 -14.28 1.56 -10.47
C ALA A 29 -12.84 1.36 -10.99
N LEU A 30 -12.63 1.52 -12.28
CA LEU A 30 -11.28 1.37 -12.87
C LEU A 30 -10.32 2.42 -12.32
N GLN A 31 -10.72 3.69 -12.39
CA GLN A 31 -9.97 4.77 -11.77
C GLN A 31 -9.51 4.44 -10.34
N LYS A 32 -10.47 3.98 -9.53
CA LYS A 32 -10.19 3.72 -8.13
C LYS A 32 -9.31 2.49 -8.00
N ALA A 33 -9.56 1.42 -8.77
CA ALA A 33 -8.79 0.18 -8.65
C ALA A 33 -7.31 0.40 -9.03
N ILE A 34 -7.05 1.37 -9.91
CA ILE A 34 -5.67 1.77 -10.20
C ILE A 34 -5.06 2.60 -9.08
N PHE A 35 -5.86 3.55 -8.54
CA PHE A 35 -5.43 4.39 -7.43
C PHE A 35 -4.94 3.58 -6.22
N PHE A 36 -5.56 2.41 -6.01
CA PHE A 36 -5.18 1.53 -4.93
C PHE A 36 -3.64 1.33 -4.91
N TYR A 37 -3.03 1.16 -6.09
CA TYR A 37 -1.57 0.94 -6.15
C TYR A 37 -0.74 2.11 -5.63
N GLU A 38 -1.27 3.34 -5.71
CA GLU A 38 -0.60 4.51 -5.10
C GLU A 38 -0.61 4.39 -3.58
N CYS A 39 -1.68 3.81 -3.04
CA CYS A 39 -1.75 3.60 -1.60
C CYS A 39 -0.72 2.62 -1.12
N GLN A 40 -0.24 1.74 -2.01
CA GLN A 40 0.72 0.70 -1.63
C GLN A 40 2.18 1.15 -1.78
N ARG A 41 2.47 2.40 -2.19
CA ARG A 41 3.88 2.73 -2.52
C ARG A 41 4.77 2.72 -1.29
N SER A 42 5.93 2.09 -1.48
CA SER A 42 7.04 2.19 -0.53
C SER A 42 8.07 3.14 -1.14
N GLY A 43 8.89 3.74 -0.29
CA GLY A 43 10.03 4.54 -0.75
C GLY A 43 9.83 6.05 -0.63
N LYS A 44 10.69 6.81 -1.31
CA LYS A 44 10.60 8.26 -1.31
C LYS A 44 9.44 8.71 -2.20
N LEU A 45 8.48 9.44 -1.63
CA LEU A 45 7.35 9.96 -2.42
C LEU A 45 7.50 11.45 -2.73
N ASP A 46 6.92 11.86 -3.84
CA ASP A 46 6.79 13.29 -4.20
C ASP A 46 5.43 13.85 -3.75
N SER A 47 5.36 14.47 -2.58
CA SER A 47 4.06 14.91 -2.05
C SER A 47 3.39 15.99 -2.92
N SER A 48 4.16 16.61 -3.81
CA SER A 48 3.62 17.68 -4.65
C SER A 48 2.80 17.15 -5.82
N THR A 49 2.94 15.86 -6.11
CA THR A 49 2.19 15.24 -7.23
C THR A 49 1.34 14.03 -6.81
N LEU A 50 1.49 13.56 -5.58
CA LEU A 50 0.63 12.49 -5.08
C LEU A 50 -0.87 12.88 -5.13
N ARG A 51 -1.72 11.90 -5.40
CA ARG A 51 -3.16 12.13 -5.45
C ARG A 51 -3.81 11.90 -4.10
N LEU A 52 -3.01 11.85 -3.05
CA LEU A 52 -3.55 11.66 -1.72
C LEU A 52 -2.61 12.34 -0.70
N ASN A 53 -3.10 12.53 0.51
CA ASN A 53 -2.29 13.25 1.50
C ASN A 53 -1.98 12.40 2.73
N TRP A 54 -2.21 11.09 2.63
CA TRP A 54 -2.02 10.24 3.82
C TRP A 54 -0.94 9.20 3.64
N ARG A 55 -0.13 9.40 2.59
CA ARG A 55 1.08 8.57 2.42
C ARG A 55 2.30 9.48 2.36
N GLY A 56 3.36 9.05 3.04
CA GLY A 56 4.63 9.77 3.07
C GLY A 56 5.82 8.83 2.85
N ASP A 57 7.03 9.37 2.93
CA ASP A 57 8.24 8.56 2.81
C ASP A 57 8.29 7.38 3.79
N SER A 58 8.67 6.22 3.29
CA SER A 58 8.72 5.03 4.13
C SER A 58 9.69 4.03 3.53
N GLY A 59 10.23 3.15 4.36
CA GLY A 59 11.18 2.15 3.86
C GLY A 59 12.39 2.76 3.21
N LEU A 60 12.87 3.90 3.71
CA LEU A 60 13.98 4.58 3.02
C LEU A 60 15.33 3.87 3.24
N ASP A 61 15.40 2.96 4.22
CA ASP A 61 16.64 2.20 4.44
C ASP A 61 16.59 0.81 3.80
N ASP A 62 15.58 0.58 2.94
CA ASP A 62 15.46 -0.74 2.30
C ASP A 62 16.69 -1.01 1.42
N GLY A 63 17.37 -2.12 1.68
CA GLY A 63 18.57 -2.45 0.92
C GLY A 63 19.88 -2.11 1.66
N LYS A 64 19.83 -1.26 2.69
CA LYS A 64 21.09 -0.76 3.26
C LYS A 64 21.92 -1.86 3.92
N ASP A 65 21.24 -2.91 4.41
CA ASP A 65 21.94 -4.07 4.98
C ASP A 65 22.81 -4.80 3.95
N ALA A 66 22.43 -4.68 2.67
CA ALA A 66 23.13 -5.28 1.54
C ALA A 66 24.04 -4.30 0.83
N GLY A 67 24.02 -3.04 1.27
CA GLY A 67 24.84 -2.01 0.63
C GLY A 67 24.29 -1.51 -0.70
N ILE A 68 22.99 -1.71 -0.91
N ILE A 68 22.99 -1.69 -0.91
CA ILE A 68 22.37 -1.38 -2.18
CA ILE A 68 22.37 -1.41 -2.21
C ILE A 68 21.07 -0.62 -1.95
C ILE A 68 21.02 -0.71 -2.03
N ASP A 69 20.74 0.28 -2.87
CA ASP A 69 19.47 1.02 -2.79
C ASP A 69 18.35 0.12 -3.32
N LEU A 70 17.49 -0.39 -2.43
CA LEU A 70 16.34 -1.21 -2.84
C LEU A 70 15.05 -0.45 -2.44
N THR A 71 15.10 0.88 -2.38
CA THR A 71 13.86 1.62 -2.04
C THR A 71 12.84 1.53 -3.20
N GLY A 72 11.58 1.83 -2.87
CA GLY A 72 10.48 1.82 -3.84
C GLY A 72 9.67 0.51 -3.84
N GLY A 73 8.94 0.28 -4.92
CA GLY A 73 8.11 -0.92 -5.01
C GLY A 73 6.79 -0.75 -4.21
N TRP A 74 6.04 -1.85 -4.11
CA TRP A 74 4.75 -1.84 -3.46
C TRP A 74 4.77 -2.75 -2.23
N TYR A 75 4.20 -2.29 -1.14
CA TYR A 75 3.88 -3.15 -0.03
C TYR A 75 2.87 -4.16 -0.56
N ASP A 76 2.93 -5.39 -0.05
CA ASP A 76 2.13 -6.44 -0.65
C ASP A 76 0.62 -6.30 -0.41
N ALA A 77 0.22 -6.18 0.85
CA ALA A 77 -1.18 -6.31 1.20
C ALA A 77 -1.55 -5.25 2.25
N GLY A 78 -1.95 -5.68 3.46
CA GLY A 78 -2.20 -4.71 4.55
C GLY A 78 -0.97 -4.61 5.44
N ASP A 79 0.12 -5.24 5.00
CA ASP A 79 1.40 -5.29 5.70
C ASP A 79 2.43 -4.47 4.94
N HIS A 80 3.70 -4.55 5.34
CA HIS A 80 4.75 -3.73 4.70
C HIS A 80 5.92 -4.53 4.19
N VAL A 81 5.69 -5.81 3.95
CA VAL A 81 6.71 -6.63 3.33
C VAL A 81 6.65 -6.36 1.82
N LYS A 82 7.83 -6.31 1.19
CA LYS A 82 7.91 -6.26 -0.27
C LYS A 82 8.20 -7.72 -0.74
N PHE A 83 7.17 -8.40 -1.23
CA PHE A 83 7.24 -9.80 -1.66
C PHE A 83 7.28 -9.78 -3.19
N ASN A 84 8.45 -10.01 -3.79
CA ASN A 84 8.59 -9.75 -5.22
C ASN A 84 7.79 -10.69 -6.15
N LEU A 85 7.41 -11.87 -5.67
CA LEU A 85 6.65 -12.80 -6.54
C LEU A 85 5.25 -12.24 -6.82
N PRO A 86 4.42 -12.00 -5.78
CA PRO A 86 3.14 -11.34 -6.12
C PRO A 86 3.29 -9.92 -6.68
N MET A 87 4.36 -9.22 -6.33
CA MET A 87 4.51 -7.86 -6.79
C MET A 87 4.74 -7.87 -8.32
N SER A 88 5.61 -8.78 -8.77
CA SER A 88 5.95 -8.84 -10.22
C SER A 88 4.76 -9.45 -10.99
N TYR A 89 4.10 -10.46 -10.43
CA TYR A 89 2.89 -10.96 -11.05
C TYR A 89 1.86 -9.85 -11.25
N SER A 90 1.69 -9.00 -10.24
CA SER A 90 0.67 -7.97 -10.33
C SER A 90 1.04 -6.93 -11.41
N ALA A 91 2.31 -6.54 -11.47
CA ALA A 91 2.76 -5.57 -12.47
C ALA A 91 2.61 -6.18 -13.86
N ALA A 92 2.88 -7.49 -13.99
CA ALA A 92 2.67 -8.15 -15.29
C ALA A 92 1.19 -8.10 -15.71
N MET A 93 0.29 -8.35 -14.78
CA MET A 93 -1.15 -8.37 -15.13
C MET A 93 -1.65 -6.95 -15.46
N LEU A 94 -1.19 -5.94 -14.73
CA LEU A 94 -1.59 -4.57 -15.06
C LEU A 94 -1.07 -4.24 -16.46
N GLY A 95 0.16 -4.65 -16.70
CA GLY A 95 0.80 -4.39 -18.00
C GLY A 95 0.04 -5.10 -19.12
N TRP A 96 -0.43 -6.33 -18.86
CA TRP A 96 -1.18 -7.08 -19.85
C TRP A 96 -2.49 -6.35 -20.18
N ALA A 97 -3.16 -5.81 -19.16
CA ALA A 97 -4.35 -4.98 -19.39
C ALA A 97 -4.11 -3.79 -20.36
N VAL A 98 -3.02 -3.06 -20.18
CA VAL A 98 -2.67 -1.92 -21.03
C VAL A 98 -2.32 -2.40 -22.43
N TYR A 99 -1.69 -3.56 -22.53
CA TYR A 99 -1.30 -4.12 -23.82
C TYR A 99 -2.54 -4.48 -24.65
N GLU A 100 -3.59 -5.01 -24.00
CA GLU A 100 -4.80 -5.44 -24.73
C GLU A 100 -5.80 -4.30 -24.97
N TYR A 101 -5.91 -3.38 -23.99
CA TYR A 101 -7.01 -2.42 -23.98
C TYR A 101 -6.49 -0.98 -23.78
N GLU A 102 -5.45 -0.63 -24.52
CA GLU A 102 -4.80 0.67 -24.33
C GLU A 102 -5.81 1.80 -24.51
N ASP A 103 -6.65 1.68 -25.55
N ASP A 103 -6.65 1.69 -25.54
CA ASP A 103 -7.59 2.75 -25.88
CA ASP A 103 -7.59 2.75 -25.87
C ASP A 103 -8.61 2.94 -24.75
C ASP A 103 -8.70 2.93 -24.83
N ALA A 104 -9.02 1.86 -24.10
CA ALA A 104 -9.96 1.96 -23.00
C ALA A 104 -9.32 2.80 -21.90
N PHE A 105 -8.03 2.58 -21.64
CA PHE A 105 -7.35 3.40 -20.63
C PHE A 105 -7.28 4.87 -21.05
N LYS A 106 -7.01 5.14 -22.33
CA LYS A 106 -6.93 6.54 -22.80
C LYS A 106 -8.29 7.23 -22.71
N GLN A 107 -9.34 6.54 -23.16
CA GLN A 107 -10.67 7.17 -23.20
C GLN A 107 -11.19 7.46 -21.80
N SER A 108 -10.81 6.62 -20.82
CA SER A 108 -11.26 6.82 -19.44
C SER A 108 -10.37 7.79 -18.67
N GLY A 109 -9.30 8.28 -19.30
CA GLY A 109 -8.39 9.21 -18.66
C GLY A 109 -7.44 8.54 -17.66
N GLN A 110 -7.32 7.22 -17.76
CA GLN A 110 -6.51 6.45 -16.82
C GLN A 110 -5.17 5.96 -17.38
N TYR A 111 -4.78 6.40 -18.58
CA TYR A 111 -3.60 5.84 -19.22
C TYR A 111 -2.30 6.26 -18.53
N ASN A 112 -2.10 7.55 -18.31
CA ASN A 112 -0.92 7.96 -17.55
C ASN A 112 -0.94 7.39 -16.13
N HIS A 113 -2.10 7.35 -15.48
CA HIS A 113 -2.19 6.75 -14.14
C HIS A 113 -1.71 5.31 -14.11
N ILE A 114 -2.17 4.47 -15.04
CA ILE A 114 -1.79 3.06 -14.98
C ILE A 114 -0.28 2.95 -15.28
N LEU A 115 0.22 3.69 -16.25
CA LEU A 115 1.66 3.63 -16.54
C LEU A 115 2.53 4.09 -15.37
N ASN A 116 2.14 5.17 -14.69
CA ASN A 116 2.87 5.64 -13.54
C ASN A 116 3.01 4.58 -12.44
N ASN A 117 1.93 3.83 -12.23
CA ASN A 117 1.95 2.82 -11.20
C ASN A 117 2.76 1.60 -11.63
N ILE A 118 2.62 1.18 -12.89
CA ILE A 118 3.40 0.03 -13.36
C ILE A 118 4.90 0.38 -13.26
N LYS A 119 5.27 1.61 -13.61
CA LYS A 119 6.66 2.03 -13.53
C LYS A 119 7.16 2.06 -12.07
N TRP A 120 6.28 2.34 -11.12
CA TRP A 120 6.70 2.30 -9.73
C TRP A 120 7.25 0.91 -9.37
N ALA A 121 6.53 -0.14 -9.75
CA ALA A 121 7.01 -1.49 -9.45
C ALA A 121 8.25 -1.82 -10.29
N CYS A 122 8.24 -1.49 -11.59
CA CYS A 122 9.34 -1.93 -12.45
C CYS A 122 10.65 -1.20 -12.12
N ASP A 123 10.58 0.07 -11.68
CA ASP A 123 11.79 0.75 -11.25
C ASP A 123 12.46 -0.02 -10.08
N TYR A 124 11.63 -0.58 -9.19
CA TYR A 124 12.12 -1.39 -8.08
C TYR A 124 12.72 -2.72 -8.52
N PHE A 125 12.09 -3.40 -9.49
CA PHE A 125 12.63 -4.68 -9.94
C PHE A 125 14.00 -4.44 -10.55
N ILE A 126 14.17 -3.29 -11.20
CA ILE A 126 15.48 -2.96 -11.79
C ILE A 126 16.54 -2.77 -10.69
N LYS A 127 16.21 -2.01 -9.64
N LYS A 127 16.19 -2.02 -9.63
CA LYS A 127 17.11 -1.87 -8.49
CA LYS A 127 17.08 -1.87 -8.48
C LYS A 127 17.47 -3.25 -7.92
C LYS A 127 17.45 -3.23 -7.88
N CYS A 128 16.51 -4.17 -7.93
CA CYS A 128 16.70 -5.50 -7.34
C CYS A 128 17.61 -6.39 -8.20
N HIS A 129 18.04 -5.89 -9.36
CA HIS A 129 18.84 -6.70 -10.26
C HIS A 129 20.17 -5.99 -10.54
N PRO A 130 21.08 -5.97 -9.54
CA PRO A 130 22.29 -5.13 -9.65
C PRO A 130 23.37 -5.74 -10.54
N GLU A 131 23.32 -7.05 -10.78
CA GLU A 131 24.23 -7.79 -11.68
C GLU A 131 23.45 -8.89 -12.42
N LYS A 132 24.00 -9.43 -13.51
CA LYS A 132 23.24 -10.33 -14.40
C LYS A 132 22.48 -11.50 -13.75
N ASP A 133 23.17 -12.15 -12.79
CA ASP A 133 22.70 -13.34 -12.05
C ASP A 133 22.56 -13.13 -10.55
N VAL A 134 22.15 -11.93 -10.15
CA VAL A 134 21.87 -11.65 -8.75
C VAL A 134 20.54 -10.92 -8.73
N TYR A 135 19.63 -11.36 -7.87
CA TYR A 135 18.28 -10.75 -7.81
C TYR A 135 17.76 -10.72 -6.37
N TYR A 136 17.51 -9.53 -5.85
CA TYR A 136 16.89 -9.39 -4.54
C TYR A 136 15.37 -9.61 -4.68
N TYR A 137 14.83 -10.51 -3.86
CA TYR A 137 13.46 -10.93 -4.04
C TYR A 137 12.52 -10.55 -2.89
N GLN A 138 13.05 -9.93 -1.84
CA GLN A 138 12.19 -9.56 -0.72
C GLN A 138 12.91 -8.51 0.13
N VAL A 139 12.14 -7.55 0.64
CA VAL A 139 12.62 -6.71 1.75
C VAL A 139 11.59 -6.77 2.86
N GLY A 140 12.06 -7.08 4.06
CA GLY A 140 11.20 -7.21 5.22
C GLY A 140 11.16 -8.69 5.65
N ASP A 141 11.06 -8.88 6.96
CA ASP A 141 10.89 -10.20 7.60
C ASP A 141 9.39 -10.37 7.89
N GLY A 142 8.75 -11.40 7.34
CA GLY A 142 7.30 -11.51 7.42
C GLY A 142 6.78 -11.49 8.86
N HIS A 143 7.42 -12.31 9.72
CA HIS A 143 6.98 -12.41 11.12
C HIS A 143 7.16 -11.09 11.84
N ALA A 144 8.31 -10.46 11.69
CA ALA A 144 8.57 -9.19 12.38
C ALA A 144 7.64 -8.08 11.88
N ASP A 145 7.41 -8.07 10.57
CA ASP A 145 6.57 -7.06 9.96
C ASP A 145 5.15 -7.17 10.50
N HIS A 146 4.64 -8.39 10.59
CA HIS A 146 3.25 -8.60 10.94
C HIS A 146 3.01 -8.51 12.44
N ALA A 147 4.10 -8.49 13.22
CA ALA A 147 4.02 -8.39 14.69
C ALA A 147 3.68 -7.00 15.17
N TRP A 148 3.58 -6.02 14.27
CA TRP A 148 3.35 -4.62 14.72
C TRP A 148 2.29 -4.01 13.83
N TRP A 149 1.44 -3.17 14.43
CA TRP A 149 0.26 -2.67 13.73
C TRP A 149 0.27 -1.13 13.72
N GLY A 150 0.77 -0.55 12.63
CA GLY A 150 0.81 0.92 12.52
C GLY A 150 1.15 1.33 11.10
N PRO A 151 1.23 2.64 10.85
CA PRO A 151 1.41 3.08 9.43
C PRO A 151 2.85 2.95 8.92
N ALA A 152 2.98 2.78 7.60
CA ALA A 152 4.24 2.42 6.96
C ALA A 152 5.35 3.39 7.35
N GLU A 153 4.98 4.67 7.40
CA GLU A 153 5.96 5.77 7.55
C GLU A 153 6.71 5.72 8.90
N VAL A 154 6.19 4.97 9.87
CA VAL A 154 6.82 4.96 11.18
C VAL A 154 7.28 3.59 11.64
N MET A 155 7.37 2.63 10.72
CA MET A 155 7.84 1.28 11.06
C MET A 155 9.05 1.29 11.96
N PRO A 156 8.95 0.63 13.12
CA PRO A 156 10.12 0.73 14.02
C PRO A 156 11.17 -0.39 13.88
N MET A 157 10.85 -1.46 13.15
CA MET A 157 11.71 -2.67 13.16
C MET A 157 12.67 -2.71 11.98
N GLU A 158 13.69 -3.56 12.09
CA GLU A 158 14.66 -3.70 11.00
C GLU A 158 14.01 -4.43 9.84
N ARG A 159 14.47 -4.12 8.63
CA ARG A 159 13.86 -4.69 7.43
C ARG A 159 14.96 -5.29 6.56
N PRO A 160 15.25 -6.57 6.80
CA PRO A 160 16.34 -7.28 6.10
C PRO A 160 15.99 -7.47 4.64
N SER A 161 17.00 -7.57 3.79
CA SER A 161 16.77 -7.87 2.36
C SER A 161 17.31 -9.27 2.07
N TYR A 162 16.81 -9.90 0.99
CA TYR A 162 17.16 -11.29 0.67
C TYR A 162 17.37 -11.41 -0.84
N LYS A 163 18.36 -12.21 -1.25
N LYS A 163 18.37 -12.20 -1.25
CA LYS A 163 18.65 -12.35 -2.67
CA LYS A 163 18.64 -12.36 -2.67
C LYS A 163 18.84 -13.82 -3.07
C LYS A 163 18.81 -13.82 -3.06
N VAL A 164 18.64 -14.07 -4.35
CA VAL A 164 19.00 -15.38 -4.94
C VAL A 164 20.17 -15.14 -5.91
N ASP A 165 20.95 -16.18 -6.17
CA ASP A 165 22.09 -16.05 -7.10
C ASP A 165 22.37 -17.40 -7.75
N ARG A 166 23.47 -17.54 -8.47
CA ARG A 166 23.65 -18.78 -9.21
C ARG A 166 23.84 -19.96 -8.25
N SER A 167 24.43 -19.72 -7.08
CA SER A 167 24.64 -20.79 -6.12
C SER A 167 23.36 -21.15 -5.36
N SER A 168 22.42 -20.20 -5.29
N SER A 168 22.42 -20.21 -5.34
CA SER A 168 21.19 -20.38 -4.52
CA SER A 168 21.22 -20.31 -4.52
C SER A 168 20.05 -19.69 -5.26
C SER A 168 20.04 -19.66 -5.27
N PRO A 169 19.50 -20.37 -6.28
CA PRO A 169 18.62 -19.70 -7.26
C PRO A 169 17.13 -19.54 -6.91
N GLY A 170 16.43 -18.74 -7.73
CA GLY A 170 15.00 -18.54 -7.51
C GLY A 170 14.27 -18.37 -8.82
N SER A 171 14.22 -19.46 -9.60
CA SER A 171 13.63 -19.39 -10.94
C SER A 171 12.18 -18.89 -10.95
N THR A 172 11.37 -19.24 -9.95
CA THR A 172 10.00 -18.77 -9.97
C THR A 172 9.90 -17.25 -9.97
N VAL A 173 10.52 -16.62 -8.96
CA VAL A 173 10.34 -15.16 -8.79
C VAL A 173 11.18 -14.42 -9.85
N VAL A 174 12.33 -14.97 -10.26
CA VAL A 174 13.15 -14.28 -11.28
C VAL A 174 12.43 -14.29 -12.63
N ALA A 175 11.81 -15.41 -13.01
CA ALA A 175 11.08 -15.45 -14.28
C ALA A 175 9.80 -14.61 -14.29
N GLU A 176 9.05 -14.58 -13.18
CA GLU A 176 7.86 -13.68 -13.13
C GLU A 176 8.35 -12.22 -13.24
N THR A 177 9.49 -11.90 -12.65
CA THR A 177 10.01 -10.52 -12.80
C THR A 177 10.41 -10.22 -14.25
N SER A 178 11.05 -11.18 -14.90
CA SER A 178 11.41 -11.07 -16.30
C SER A 178 10.16 -10.75 -17.13
N ALA A 179 9.09 -11.50 -16.87
CA ALA A 179 7.82 -11.31 -17.59
C ALA A 179 7.27 -9.88 -17.38
N ALA A 180 7.25 -9.38 -16.14
CA ALA A 180 6.74 -8.03 -15.88
C ALA A 180 7.56 -6.98 -16.66
N LEU A 181 8.88 -7.13 -16.67
CA LEU A 181 9.74 -6.16 -17.35
C LEU A 181 9.63 -6.27 -18.88
N ALA A 182 9.45 -7.49 -19.39
CA ALA A 182 9.24 -7.69 -20.83
C ALA A 182 7.96 -6.98 -21.26
N ILE A 183 6.89 -7.17 -20.48
CA ILE A 183 5.64 -6.44 -20.75
C ILE A 183 5.83 -4.93 -20.66
N ALA A 184 6.52 -4.47 -19.63
CA ALA A 184 6.82 -3.04 -19.50
C ALA A 184 7.55 -2.53 -20.75
N SER A 185 8.50 -3.30 -21.27
CA SER A 185 9.23 -2.86 -22.47
C SER A 185 8.28 -2.61 -23.65
N ILE A 186 7.22 -3.39 -23.77
CA ILE A 186 6.28 -3.19 -24.85
C ILE A 186 5.44 -1.94 -24.62
N ILE A 187 4.83 -1.83 -23.45
CA ILE A 187 3.83 -0.75 -23.26
C ILE A 187 4.47 0.61 -23.13
N PHE A 188 5.77 0.67 -22.79
CA PHE A 188 6.47 1.96 -22.69
C PHE A 188 7.20 2.36 -23.97
N LYS A 189 7.12 1.54 -25.02
N LYS A 189 7.13 1.54 -25.01
CA LYS A 189 7.92 1.75 -26.23
CA LYS A 189 7.96 1.78 -26.20
C LYS A 189 7.74 3.17 -26.79
C LYS A 189 7.75 3.18 -26.77
N LYS A 190 6.50 3.61 -26.84
CA LYS A 190 6.17 4.90 -27.44
C LYS A 190 6.31 6.08 -26.47
N VAL A 191 5.97 5.88 -25.21
CA VAL A 191 5.98 7.03 -24.30
C VAL A 191 7.34 7.30 -23.70
N ASP A 192 8.17 6.25 -23.60
CA ASP A 192 9.51 6.42 -23.04
C ASP A 192 10.43 5.34 -23.59
N GLY A 193 10.93 5.57 -24.80
CA GLY A 193 11.71 4.57 -25.51
C GLY A 193 12.96 4.14 -24.76
N GLU A 194 13.60 5.08 -24.07
CA GLU A 194 14.80 4.74 -23.31
C GLU A 194 14.49 3.81 -22.14
N TYR A 195 13.38 4.07 -21.44
CA TYR A 195 13.00 3.18 -20.32
C TYR A 195 12.61 1.81 -20.85
N SER A 196 11.88 1.81 -21.97
CA SER A 196 11.45 0.58 -22.66
C SER A 196 12.65 -0.29 -22.89
N LYS A 197 13.71 0.29 -23.44
CA LYS A 197 14.92 -0.50 -23.76
C LYS A 197 15.58 -1.01 -22.48
N GLU A 198 15.59 -0.19 -21.44
CA GLU A 198 16.20 -0.57 -20.18
C GLU A 198 15.46 -1.78 -19.60
N CYS A 199 14.13 -1.70 -19.56
CA CYS A 199 13.30 -2.83 -19.06
C CYS A 199 13.60 -4.10 -19.87
N LEU A 200 13.69 -3.98 -21.19
CA LEU A 200 13.95 -5.18 -22.00
C LEU A 200 15.33 -5.82 -21.70
N LYS A 201 16.39 -5.01 -21.60
CA LYS A 201 17.69 -5.55 -21.23
C LYS A 201 17.62 -6.38 -19.94
N HIS A 202 17.02 -5.82 -18.90
CA HIS A 202 16.91 -6.53 -17.62
C HIS A 202 16.06 -7.79 -17.86
N ALA A 203 14.97 -7.66 -18.61
CA ALA A 203 14.07 -8.81 -18.82
C ALA A 203 14.82 -9.97 -19.47
N LYS A 204 15.65 -9.68 -20.46
CA LYS A 204 16.41 -10.77 -21.10
C LYS A 204 17.42 -11.42 -20.15
N GLU A 205 18.13 -10.62 -19.38
CA GLU A 205 19.12 -11.16 -18.45
C GLU A 205 18.45 -12.00 -17.35
N LEU A 206 17.38 -11.48 -16.78
CA LEU A 206 16.65 -12.22 -15.74
C LEU A 206 16.14 -13.54 -16.30
N PHE A 207 15.61 -13.52 -17.51
CA PHE A 207 15.09 -14.76 -18.07
C PHE A 207 16.25 -15.78 -18.20
N GLU A 208 17.39 -15.35 -18.72
CA GLU A 208 18.52 -16.30 -18.85
C GLU A 208 18.94 -16.87 -17.49
N PHE A 209 18.97 -16.02 -16.45
CA PHE A 209 19.27 -16.47 -15.09
C PHE A 209 18.29 -17.54 -14.59
N ALA A 210 16.98 -17.27 -14.66
CA ALA A 210 15.97 -18.24 -14.25
C ALA A 210 16.04 -19.53 -15.08
N ASP A 211 16.21 -19.38 -16.39
CA ASP A 211 16.09 -20.53 -17.31
C ASP A 211 17.29 -21.44 -17.19
N THR A 212 18.45 -20.87 -16.88
CA THR A 212 19.68 -21.69 -16.82
C THR A 212 19.97 -22.23 -15.41
N THR A 213 19.17 -21.81 -14.42
CA THR A 213 19.33 -22.36 -13.08
C THR A 213 18.23 -23.39 -12.72
N LYS A 214 17.02 -23.20 -13.22
CA LYS A 214 15.88 -24.07 -12.92
C LYS A 214 15.91 -24.61 -11.50
N SER A 215 15.79 -23.71 -10.53
CA SER A 215 15.85 -24.11 -9.12
C SER A 215 15.26 -23.00 -8.27
N ASP A 216 14.57 -23.36 -7.18
CA ASP A 216 14.10 -22.36 -6.22
C ASP A 216 14.81 -22.53 -4.88
N ASP A 217 15.96 -23.20 -4.87
CA ASP A 217 16.61 -23.51 -3.57
C ASP A 217 16.92 -22.29 -2.74
N GLY A 218 17.22 -21.18 -3.40
CA GLY A 218 17.52 -19.94 -2.69
C GLY A 218 16.30 -19.10 -2.28
N TYR A 219 15.12 -19.45 -2.77
CA TYR A 219 13.91 -18.68 -2.49
C TYR A 219 13.32 -19.19 -1.17
N THR A 220 13.66 -18.54 -0.07
CA THR A 220 13.25 -19.05 1.24
C THR A 220 12.55 -18.07 2.17
N ALA A 221 12.76 -16.76 2.01
CA ALA A 221 12.28 -15.81 3.01
C ALA A 221 10.78 -15.60 2.93
N ALA A 222 10.17 -16.08 1.83
CA ALA A 222 8.71 -15.93 1.68
C ALA A 222 7.98 -17.21 2.10
N ASN A 223 8.68 -18.13 2.77
CA ASN A 223 8.06 -19.41 3.19
C ASN A 223 6.88 -19.10 4.11
N GLY A 224 5.72 -19.72 3.86
CA GLY A 224 4.53 -19.46 4.66
C GLY A 224 3.70 -18.28 4.19
N PHE A 225 4.22 -17.55 3.19
CA PHE A 225 3.51 -16.38 2.65
C PHE A 225 3.28 -16.54 1.16
N TYR A 226 4.36 -16.70 0.41
CA TYR A 226 4.30 -16.83 -1.05
C TYR A 226 5.24 -17.94 -1.53
N ASN A 227 5.02 -19.15 -1.03
CA ASN A 227 5.78 -20.29 -1.54
C ASN A 227 5.49 -20.48 -3.02
N SER A 228 6.46 -21.05 -3.76
CA SER A 228 6.20 -21.51 -5.13
C SER A 228 5.55 -22.91 -5.07
N TRP A 229 4.25 -23.00 -5.36
CA TRP A 229 3.52 -24.28 -5.24
C TRP A 229 3.53 -25.07 -6.52
N SER A 230 3.21 -24.42 -7.63
CA SER A 230 3.15 -25.05 -8.96
C SER A 230 4.52 -25.22 -9.61
N GLY A 231 5.57 -24.66 -9.03
CA GLY A 231 6.89 -24.80 -9.63
C GLY A 231 7.15 -23.63 -10.58
N PHE A 232 8.28 -23.63 -11.28
CA PHE A 232 8.66 -22.45 -12.10
C PHE A 232 8.48 -22.63 -13.62
N TYR A 233 8.01 -23.79 -14.12
CA TYR A 233 7.91 -23.94 -15.58
C TYR A 233 6.84 -23.07 -16.23
N ASP A 234 5.77 -22.79 -15.50
CA ASP A 234 4.77 -21.87 -16.00
C ASP A 234 5.37 -20.47 -16.12
N GLU A 235 6.13 -20.03 -15.12
CA GLU A 235 6.74 -18.71 -15.18
C GLU A 235 7.79 -18.65 -16.31
N LEU A 236 8.57 -19.72 -16.50
CA LEU A 236 9.53 -19.70 -17.60
C LEU A 236 8.82 -19.50 -18.95
N SER A 237 7.72 -20.24 -19.17
CA SER A 237 6.99 -20.10 -20.47
C SER A 237 6.28 -18.77 -20.61
N TRP A 238 5.74 -18.26 -19.50
CA TRP A 238 5.06 -16.95 -19.48
C TRP A 238 6.07 -15.87 -19.81
N ALA A 239 7.24 -15.91 -19.17
CA ALA A 239 8.26 -14.89 -19.47
C ALA A 239 8.74 -15.04 -20.92
N ALA A 240 8.89 -16.26 -21.39
CA ALA A 240 9.39 -16.46 -22.75
C ALA A 240 8.41 -15.98 -23.79
N VAL A 241 7.12 -16.26 -23.59
CA VAL A 241 6.14 -15.81 -24.57
C VAL A 241 6.04 -14.27 -24.55
N TRP A 242 6.17 -13.66 -23.38
CA TRP A 242 6.15 -12.17 -23.35
C TRP A 242 7.42 -11.62 -24.02
N LEU A 243 8.53 -12.32 -23.85
CA LEU A 243 9.75 -11.87 -24.53
C LEU A 243 9.64 -12.01 -26.07
N TYR A 244 8.97 -13.07 -26.52
CA TYR A 244 8.65 -13.21 -27.93
C TYR A 244 7.79 -12.04 -28.41
N LEU A 245 6.78 -11.67 -27.62
CA LEU A 245 5.89 -10.58 -28.06
C LEU A 245 6.64 -9.25 -28.01
N ALA A 246 7.66 -9.18 -27.15
CA ALA A 246 8.42 -7.93 -26.98
C ALA A 246 9.53 -7.76 -28.06
N THR A 247 10.07 -8.87 -28.55
CA THR A 247 11.25 -8.84 -29.45
C THR A 247 11.00 -9.33 -30.90
N ASN A 248 9.95 -10.13 -31.08
CA ASN A 248 9.69 -10.91 -32.29
C ASN A 248 10.83 -11.85 -32.68
N ASP A 249 11.58 -12.32 -31.68
CA ASP A 249 12.63 -13.32 -31.88
C ASP A 249 12.02 -14.66 -31.61
N SER A 250 11.82 -15.44 -32.67
CA SER A 250 11.05 -16.65 -32.58
C SER A 250 11.71 -17.69 -31.67
N SER A 251 12.97 -17.48 -31.33
N SER A 251 12.99 -17.52 -31.32
CA SER A 251 13.66 -18.35 -30.37
CA SER A 251 13.61 -18.43 -30.38
C SER A 251 12.94 -18.37 -29.02
C SER A 251 12.90 -18.40 -29.02
N TYR A 252 12.38 -17.25 -28.62
CA TYR A 252 11.61 -17.18 -27.38
C TYR A 252 10.29 -17.92 -27.48
N LEU A 253 9.67 -17.91 -28.66
CA LEU A 253 8.42 -18.65 -28.84
C LEU A 253 8.72 -20.15 -28.71
N ASP A 254 9.80 -20.59 -29.35
CA ASP A 254 10.19 -22.00 -29.25
C ASP A 254 10.40 -22.36 -27.77
N LYS A 255 11.16 -21.52 -27.07
CA LYS A 255 11.47 -21.72 -25.66
C LYS A 255 10.17 -21.83 -24.82
N ALA A 256 9.19 -20.96 -25.06
CA ALA A 256 7.95 -21.03 -24.26
C ALA A 256 7.25 -22.39 -24.50
N GLU A 257 7.22 -22.81 -25.75
CA GLU A 257 6.48 -24.03 -26.05
C GLU A 257 7.22 -25.24 -25.52
N SER A 258 8.54 -25.11 -25.34
CA SER A 258 9.36 -26.28 -24.99
C SER A 258 9.02 -26.82 -23.60
N TYR A 259 8.39 -26.02 -22.75
CA TYR A 259 8.03 -26.50 -21.42
C TYR A 259 6.56 -26.90 -21.32
N SER A 260 5.85 -27.05 -22.43
CA SER A 260 4.42 -27.31 -22.31
C SER A 260 4.16 -28.64 -21.60
N ASP A 261 5.09 -29.59 -21.72
CA ASP A 261 4.87 -30.88 -21.07
C ASP A 261 5.24 -30.84 -19.57
N LYS A 262 5.66 -29.67 -19.08
CA LYS A 262 6.11 -29.52 -17.69
C LYS A 262 5.15 -28.71 -16.80
N TRP A 263 4.22 -27.96 -17.40
CA TRP A 263 3.35 -27.08 -16.59
C TRP A 263 2.47 -27.85 -15.61
N GLY A 264 1.86 -28.94 -16.08
CA GLY A 264 1.06 -29.79 -15.20
C GLY A 264 -0.22 -30.29 -15.86
N TYR A 265 -0.65 -31.47 -15.42
CA TYR A 265 -1.83 -32.13 -15.96
C TYR A 265 -2.83 -32.32 -14.84
N GLU A 266 -4.10 -32.54 -15.17
CA GLU A 266 -5.05 -32.90 -14.14
C GLU A 266 -4.61 -34.25 -13.55
N PRO A 267 -4.84 -34.46 -12.23
CA PRO A 267 -4.27 -35.67 -11.61
C PRO A 267 -4.68 -36.92 -12.36
N GLN A 268 -3.71 -37.80 -12.61
CA GLN A 268 -4.00 -39.11 -13.20
C GLN A 268 -4.25 -39.04 -14.70
N THR A 269 -3.90 -37.92 -15.33
CA THR A 269 -4.16 -37.77 -16.75
C THR A 269 -2.99 -37.16 -17.49
N ASN A 270 -3.15 -37.07 -18.80
CA ASN A 270 -2.25 -36.30 -19.64
C ASN A 270 -3.01 -35.10 -20.21
N ILE A 271 -4.04 -34.65 -19.50
CA ILE A 271 -4.83 -33.48 -19.93
C ILE A 271 -4.28 -32.18 -19.30
N PRO A 272 -3.89 -31.21 -20.14
CA PRO A 272 -3.32 -30.00 -19.53
C PRO A 272 -4.22 -29.47 -18.46
N LYS A 273 -3.64 -29.09 -17.31
CA LYS A 273 -4.42 -28.72 -16.15
C LYS A 273 -5.34 -27.55 -16.43
N TYR A 274 -6.49 -27.53 -15.77
CA TYR A 274 -7.43 -26.43 -15.99
C TYR A 274 -8.25 -26.00 -14.77
N LYS A 275 -8.26 -26.79 -13.69
CA LYS A 275 -9.14 -26.51 -12.54
C LYS A 275 -8.48 -25.63 -11.48
N TRP A 276 -7.98 -24.49 -11.93
CA TRP A 276 -7.54 -23.48 -10.99
C TRP A 276 -7.73 -22.11 -11.67
N ALA A 277 -6.93 -21.11 -11.31
CA ALA A 277 -7.02 -19.79 -11.94
C ALA A 277 -5.63 -19.21 -12.16
N GLN A 278 -5.55 -18.34 -13.17
CA GLN A 278 -4.39 -17.44 -13.31
C GLN A 278 -4.23 -16.73 -11.98
N CYS A 279 -3.04 -16.79 -11.39
CA CYS A 279 -2.80 -16.16 -10.08
C CYS A 279 -1.29 -16.02 -9.85
N TRP A 280 -0.92 -15.37 -8.74
CA TRP A 280 0.51 -15.10 -8.50
C TRP A 280 1.40 -16.33 -8.53
N ASP A 281 0.83 -17.52 -8.25
CA ASP A 281 1.58 -18.76 -8.27
C ASP A 281 1.57 -19.51 -9.57
N ASP A 282 0.55 -19.28 -10.39
CA ASP A 282 0.28 -20.14 -11.54
C ASP A 282 -0.15 -19.31 -12.73
N VAL A 283 0.76 -19.11 -13.70
CA VAL A 283 0.43 -18.32 -14.88
C VAL A 283 0.27 -19.23 -16.11
N THR A 284 -0.05 -20.48 -15.86
CA THR A 284 -0.22 -21.44 -16.97
C THR A 284 -1.37 -21.02 -17.86
N TYR A 285 -2.47 -20.57 -17.25
CA TYR A 285 -3.73 -20.32 -17.96
C TYR A 285 -3.59 -19.16 -18.94
N GLY A 286 -3.02 -18.04 -18.50
CA GLY A 286 -2.76 -16.96 -19.43
C GLY A 286 -1.78 -17.35 -20.54
N THR A 287 -0.83 -18.21 -20.20
CA THR A 287 0.11 -18.71 -21.20
C THR A 287 -0.62 -19.51 -22.28
N TYR A 288 -1.58 -20.38 -21.89
CA TYR A 288 -2.39 -21.09 -22.88
C TYR A 288 -2.98 -20.10 -23.87
N LEU A 289 -3.57 -19.03 -23.34
CA LEU A 289 -4.33 -18.08 -24.17
C LEU A 289 -3.37 -17.36 -25.08
N LEU A 290 -2.25 -16.90 -24.54
CA LEU A 290 -1.34 -16.10 -25.39
C LEU A 290 -0.81 -16.99 -26.53
N LEU A 291 -0.46 -18.22 -26.22
CA LEU A 291 0.07 -19.12 -27.24
C LEU A 291 -1.02 -19.51 -28.27
N ALA A 292 -2.24 -19.72 -27.80
CA ALA A 292 -3.34 -20.02 -28.72
C ALA A 292 -3.50 -18.94 -29.79
N ARG A 293 -3.42 -17.66 -29.41
CA ARG A 293 -3.56 -16.59 -30.41
C ARG A 293 -2.36 -16.54 -31.37
N ILE A 294 -1.16 -16.72 -30.82
CA ILE A 294 0.07 -16.70 -31.64
C ILE A 294 0.05 -17.84 -32.68
N LYS A 295 -0.21 -19.06 -32.25
CA LYS A 295 -0.16 -20.21 -33.18
C LYS A 295 -1.31 -20.20 -34.21
N ASN A 296 -2.50 -19.84 -33.75
CA ASN A 296 -3.69 -19.80 -34.58
C ASN A 296 -3.82 -21.03 -35.47
N ASP A 297 -3.57 -22.20 -34.92
CA ASP A 297 -3.60 -23.42 -35.72
C ASP A 297 -4.60 -24.44 -35.19
N ASN A 298 -5.61 -23.96 -34.48
CA ASN A 298 -6.66 -24.84 -33.95
C ASN A 298 -6.07 -26.02 -33.18
N GLY A 299 -5.00 -25.76 -32.43
CA GLY A 299 -4.25 -26.83 -31.78
C GLY A 299 -4.46 -26.94 -30.27
N LYS A 300 -3.45 -27.47 -29.58
CA LYS A 300 -3.62 -27.86 -28.20
C LYS A 300 -3.79 -26.66 -27.22
N TYR A 301 -3.26 -25.50 -27.57
CA TYR A 301 -3.36 -24.37 -26.64
C TYR A 301 -4.78 -23.81 -26.65
N LYS A 302 -5.38 -23.73 -27.84
N LYS A 302 -5.39 -23.80 -27.83
CA LYS A 302 -6.82 -23.42 -27.96
CA LYS A 302 -6.79 -23.42 -27.99
C LYS A 302 -7.62 -24.38 -27.12
C LYS A 302 -7.67 -24.37 -27.22
N GLU A 303 -7.38 -25.66 -27.31
CA GLU A 303 -8.14 -26.64 -26.55
C GLU A 303 -7.96 -26.42 -25.05
N ALA A 304 -6.74 -26.06 -24.62
CA ALA A 304 -6.45 -25.98 -23.18
C ALA A 304 -7.15 -24.77 -22.54
N ILE A 305 -7.07 -23.61 -23.19
CA ILE A 305 -7.77 -22.43 -22.66
C ILE A 305 -9.30 -22.65 -22.67
N GLU A 306 -9.82 -23.30 -23.70
CA GLU A 306 -11.29 -23.52 -23.76
C GLU A 306 -11.79 -24.47 -22.67
N ARG A 307 -10.97 -25.46 -22.32
CA ARG A 307 -11.30 -26.39 -21.27
C ARG A 307 -11.40 -25.58 -19.99
N HIS A 308 -10.40 -24.74 -19.78
CA HIS A 308 -10.31 -23.92 -18.57
C HIS A 308 -11.51 -22.96 -18.42
N LEU A 309 -11.78 -22.18 -19.47
CA LEU A 309 -12.86 -21.18 -19.39
C LEU A 309 -14.25 -21.88 -19.41
N ASP A 310 -14.36 -23.03 -20.08
CA ASP A 310 -15.62 -23.81 -20.03
C ASP A 310 -15.88 -24.25 -18.58
N TRP A 311 -14.89 -24.85 -17.92
CA TRP A 311 -15.07 -25.25 -16.52
C TRP A 311 -15.54 -24.10 -15.62
N TRP A 312 -15.12 -22.88 -15.91
CA TRP A 312 -15.47 -21.74 -15.08
C TRP A 312 -16.85 -21.16 -15.37
N THR A 313 -17.44 -21.55 -16.49
CA THR A 313 -18.65 -20.92 -17.01
C THR A 313 -19.80 -21.94 -17.12
N THR A 314 -19.90 -22.65 -18.25
CA THR A 314 -21.02 -23.58 -18.51
C THR A 314 -20.74 -24.98 -18.00
N GLY A 315 -19.47 -25.27 -17.77
CA GLY A 315 -19.01 -26.60 -17.41
C GLY A 315 -18.21 -27.27 -18.51
N TYR A 316 -17.30 -28.15 -18.11
CA TYR A 316 -16.55 -28.98 -19.07
C TYR A 316 -16.73 -30.47 -18.75
N ASN A 317 -17.32 -31.20 -19.69
CA ASN A 317 -17.50 -32.64 -19.57
C ASN A 317 -18.20 -32.98 -18.25
N GLY A 318 -19.25 -32.22 -17.96
CA GLY A 318 -20.09 -32.47 -16.79
C GLY A 318 -19.53 -31.93 -15.50
N GLU A 319 -18.44 -31.19 -15.55
CA GLU A 319 -17.92 -30.63 -14.31
C GLU A 319 -17.83 -29.12 -14.42
N ARG A 320 -18.03 -28.45 -13.30
CA ARG A 320 -18.08 -27.00 -13.27
C ARG A 320 -17.63 -26.50 -11.93
N ILE A 321 -16.93 -25.37 -11.94
CA ILE A 321 -16.56 -24.77 -10.66
C ILE A 321 -17.79 -24.51 -9.80
N THR A 322 -17.62 -24.52 -8.49
CA THR A 322 -18.68 -24.12 -7.57
C THR A 322 -19.12 -22.67 -7.83
N TYR A 323 -20.43 -22.43 -7.85
CA TYR A 323 -20.98 -21.08 -7.86
C TYR A 323 -21.79 -20.83 -6.60
N THR A 324 -21.79 -19.59 -6.12
CA THR A 324 -22.64 -19.19 -5.01
C THR A 324 -24.04 -18.95 -5.57
N PRO A 325 -25.05 -18.98 -4.71
CA PRO A 325 -26.42 -18.76 -5.18
C PRO A 325 -26.59 -17.41 -5.89
N LYS A 326 -25.85 -16.39 -5.44
CA LYS A 326 -25.96 -15.07 -6.02
C LYS A 326 -25.02 -14.86 -7.21
N GLY A 327 -24.36 -15.94 -7.65
CA GLY A 327 -23.69 -15.95 -8.95
C GLY A 327 -22.17 -15.78 -9.02
N LEU A 328 -21.49 -15.77 -7.88
CA LEU A 328 -20.01 -15.73 -7.86
C LEU A 328 -19.40 -17.10 -8.17
N ALA A 329 -18.52 -17.17 -9.16
CA ALA A 329 -17.75 -18.40 -9.42
C ALA A 329 -16.68 -18.47 -8.34
N TRP A 330 -16.72 -19.53 -7.54
CA TRP A 330 -16.08 -19.54 -6.24
C TRP A 330 -15.02 -20.66 -6.18
N LEU A 331 -13.74 -20.29 -6.24
CA LEU A 331 -12.67 -21.25 -6.42
C LEU A 331 -12.12 -21.75 -5.09
N ASP A 332 -12.18 -20.90 -4.07
CA ASP A 332 -11.47 -21.14 -2.83
C ASP A 332 -11.91 -20.13 -1.78
N GLN A 333 -11.71 -20.42 -0.49
CA GLN A 333 -12.11 -19.48 0.57
C GLN A 333 -11.26 -18.21 0.65
N TRP A 334 -10.02 -18.24 0.14
CA TRP A 334 -9.10 -17.09 0.22
C TRP A 334 -9.13 -16.31 -1.10
N GLY A 335 -9.41 -15.02 -1.07
CA GLY A 335 -9.36 -14.24 -2.31
C GLY A 335 -10.31 -14.80 -3.34
N SER A 336 -11.54 -15.13 -2.91
CA SER A 336 -12.53 -15.63 -3.87
C SER A 336 -12.76 -14.63 -5.01
N LEU A 337 -12.90 -13.33 -4.67
CA LEU A 337 -13.13 -12.31 -5.69
C LEU A 337 -11.89 -12.15 -6.61
N ARG A 338 -10.71 -12.23 -6.02
CA ARG A 338 -9.46 -12.18 -6.78
C ARG A 338 -9.45 -13.26 -7.88
N TYR A 339 -9.82 -14.49 -7.53
CA TYR A 339 -9.71 -15.56 -8.53
C TYR A 339 -10.78 -15.39 -9.60
N ALA A 340 -12.00 -15.06 -9.18
CA ALA A 340 -13.07 -14.91 -10.17
C ALA A 340 -12.82 -13.71 -11.10
N THR A 341 -12.38 -12.58 -10.56
CA THR A 341 -12.18 -11.42 -11.42
C THR A 341 -10.97 -11.59 -12.34
N THR A 342 -9.95 -12.29 -11.88
CA THR A 342 -8.81 -12.55 -12.76
C THR A 342 -9.20 -13.48 -13.91
N THR A 343 -9.93 -14.55 -13.62
CA THR A 343 -10.40 -15.41 -14.70
C THR A 343 -11.32 -14.66 -15.66
N ALA A 344 -12.15 -13.75 -15.13
CA ALA A 344 -13.02 -12.94 -15.98
C ALA A 344 -12.19 -12.07 -16.95
N PHE A 345 -11.02 -11.60 -16.53
CA PHE A 345 -10.15 -10.87 -17.46
C PHE A 345 -9.67 -11.77 -18.61
N LEU A 346 -9.25 -12.98 -18.29
CA LEU A 346 -8.85 -13.92 -19.34
C LEU A 346 -10.02 -14.14 -20.29
N ALA A 347 -11.22 -14.22 -19.75
CA ALA A 347 -12.43 -14.41 -20.58
C ALA A 347 -12.63 -13.21 -21.49
N CYS A 348 -12.39 -11.99 -21.00
CA CYS A 348 -12.48 -10.81 -21.85
C CYS A 348 -11.50 -10.91 -23.00
N VAL A 349 -10.25 -11.27 -22.69
CA VAL A 349 -9.23 -11.32 -23.73
C VAL A 349 -9.56 -12.40 -24.79
N TYR A 350 -10.01 -13.57 -24.33
CA TYR A 350 -10.54 -14.58 -25.23
C TYR A 350 -11.66 -14.02 -26.12
N SER A 351 -12.57 -13.23 -25.54
CA SER A 351 -13.75 -12.79 -26.31
C SER A 351 -13.31 -11.89 -27.47
N ASP A 352 -12.16 -11.24 -27.34
CA ASP A 352 -11.64 -10.33 -28.37
C ASP A 352 -10.70 -10.99 -29.41
N TRP A 353 -10.42 -12.29 -29.24
CA TRP A 353 -9.60 -13.04 -30.18
C TRP A 353 -10.39 -13.40 -31.46
N GLU A 354 -9.99 -12.82 -32.58
CA GLU A 354 -10.78 -12.91 -33.82
C GLU A 354 -11.00 -14.36 -34.27
N ASN A 355 -10.00 -15.20 -34.02
N ASN A 355 -10.00 -15.19 -34.02
CA ASN A 355 -10.08 -16.59 -34.45
CA ASN A 355 -10.04 -16.59 -34.44
C ASN A 355 -10.52 -17.54 -33.33
C ASN A 355 -10.63 -17.54 -33.40
N GLY A 356 -11.19 -17.01 -32.32
CA GLY A 356 -11.72 -17.84 -31.25
C GLY A 356 -13.07 -18.37 -31.64
N ASP A 357 -13.59 -19.26 -30.81
CA ASP A 357 -14.93 -19.84 -30.98
C ASP A 357 -16.00 -18.78 -30.63
N LYS A 358 -16.81 -18.37 -31.60
CA LYS A 358 -17.72 -17.24 -31.38
C LYS A 358 -18.79 -17.53 -30.33
N GLU A 359 -19.28 -18.77 -30.26
CA GLU A 359 -20.32 -19.08 -29.29
C GLU A 359 -19.74 -19.14 -27.88
N LYS A 360 -18.54 -19.68 -27.76
CA LYS A 360 -17.90 -19.66 -26.46
C LYS A 360 -17.58 -18.21 -26.04
N ALA A 361 -17.11 -17.38 -26.97
CA ALA A 361 -16.78 -16.00 -26.63
C ALA A 361 -17.97 -15.27 -26.02
N LYS A 362 -19.16 -15.52 -26.57
CA LYS A 362 -20.39 -14.88 -26.05
C LYS A 362 -20.63 -15.29 -24.60
N THR A 363 -20.48 -16.59 -24.34
CA THR A 363 -20.65 -17.15 -22.99
C THR A 363 -19.62 -16.61 -22.03
N TYR A 364 -18.37 -16.58 -22.46
CA TYR A 364 -17.29 -16.06 -21.63
C TYR A 364 -17.48 -14.58 -21.30
N LEU A 365 -17.92 -13.79 -22.27
CA LEU A 365 -18.08 -12.36 -22.01
C LEU A 365 -19.23 -12.12 -21.05
N GLU A 366 -20.31 -12.87 -21.18
CA GLU A 366 -21.42 -12.72 -20.22
C GLU A 366 -20.99 -13.12 -18.80
N PHE A 367 -20.19 -14.19 -18.71
CA PHE A 367 -19.55 -14.54 -17.43
C PHE A 367 -18.69 -13.40 -16.91
N ALA A 368 -17.86 -12.80 -17.76
CA ALA A 368 -16.98 -11.74 -17.24
C ALA A 368 -17.84 -10.59 -16.69
N ARG A 369 -18.90 -10.23 -17.40
N ARG A 369 -18.89 -10.21 -17.41
CA ARG A 369 -19.78 -9.15 -16.95
CA ARG A 369 -19.78 -9.15 -16.93
C ARG A 369 -20.44 -9.50 -15.61
C ARG A 369 -20.37 -9.53 -15.56
N SER A 370 -20.83 -10.78 -15.42
CA SER A 370 -21.49 -11.17 -14.16
C SER A 370 -20.54 -11.10 -12.98
N GLN A 371 -19.29 -11.45 -13.19
CA GLN A 371 -18.35 -11.43 -12.10
C GLN A 371 -17.93 -10.00 -11.75
N ALA A 372 -17.70 -9.16 -12.77
CA ALA A 372 -17.49 -7.74 -12.51
C ALA A 372 -18.65 -7.17 -11.69
N ASP A 373 -19.88 -7.46 -12.09
CA ASP A 373 -21.02 -6.87 -11.42
C ASP A 373 -21.21 -7.40 -10.00
N TYR A 374 -20.82 -8.65 -9.75
CA TYR A 374 -20.86 -9.18 -8.37
C TYR A 374 -19.85 -8.39 -7.50
N ALA A 375 -18.66 -8.15 -8.02
CA ALA A 375 -17.69 -7.38 -7.23
C ALA A 375 -18.18 -5.96 -6.95
N LEU A 376 -18.87 -5.36 -7.91
CA LEU A 376 -19.25 -3.95 -7.83
C LEU A 376 -20.59 -3.68 -7.10
N GLY A 377 -21.45 -4.69 -6.96
CA GLY A 377 -22.69 -4.47 -6.22
C GLY A 377 -23.96 -5.23 -6.59
N SER A 378 -23.89 -6.25 -7.44
N SER A 378 -23.85 -6.26 -7.42
CA SER A 378 -25.13 -6.92 -7.87
CA SER A 378 -25.04 -7.00 -7.86
C SER A 378 -25.85 -7.61 -6.70
C SER A 378 -25.84 -7.55 -6.69
N THR A 379 -25.15 -7.87 -5.60
CA THR A 379 -25.79 -8.51 -4.43
C THR A 379 -26.44 -7.49 -3.53
N GLY A 380 -26.27 -6.20 -3.82
CA GLY A 380 -26.82 -5.17 -2.96
C GLY A 380 -25.73 -4.39 -2.25
N ARG A 381 -24.49 -4.87 -2.34
CA ARG A 381 -23.42 -4.14 -1.74
C ARG A 381 -22.15 -4.34 -2.55
N SER A 382 -21.29 -3.34 -2.47
CA SER A 382 -20.00 -3.34 -3.17
C SER A 382 -18.95 -4.06 -2.33
N PHE A 383 -18.03 -4.75 -3.00
CA PHE A 383 -16.85 -5.34 -2.35
C PHE A 383 -15.57 -4.54 -2.65
N VAL A 384 -15.72 -3.30 -3.14
CA VAL A 384 -14.57 -2.46 -3.48
C VAL A 384 -14.57 -1.27 -2.52
N VAL A 385 -13.52 -1.14 -1.73
CA VAL A 385 -13.44 -0.04 -0.75
C VAL A 385 -13.65 1.31 -1.42
N GLY A 386 -14.45 2.19 -0.82
CA GLY A 386 -14.63 3.50 -1.40
C GLY A 386 -15.42 3.59 -2.70
N PHE A 387 -16.15 2.52 -3.04
CA PHE A 387 -16.94 2.50 -4.25
C PHE A 387 -18.34 1.93 -4.04
N GLY A 388 -19.37 2.56 -4.62
CA GLY A 388 -20.67 1.93 -4.67
C GLY A 388 -21.44 1.92 -3.36
N GLU A 389 -22.44 1.05 -3.27
N GLU A 389 -22.39 0.99 -3.29
CA GLU A 389 -23.37 1.01 -2.13
CA GLU A 389 -23.31 0.86 -2.14
C GLU A 389 -22.82 0.16 -0.99
C GLU A 389 -22.65 0.16 -0.97
N ASN A 390 -22.76 0.73 0.22
CA ASN A 390 -22.29 0.01 1.43
C ASN A 390 -20.97 -0.76 1.21
N PRO A 391 -19.90 -0.05 0.78
CA PRO A 391 -18.63 -0.75 0.56
C PRO A 391 -17.99 -1.16 1.86
N PRO A 392 -17.01 -2.07 1.80
CA PRO A 392 -16.24 -2.38 3.01
C PRO A 392 -15.55 -1.15 3.55
N LYS A 393 -15.64 -0.94 4.87
CA LYS A 393 -14.96 0.19 5.50
C LYS A 393 -13.87 -0.21 6.49
N ARG A 394 -13.65 -1.50 6.69
CA ARG A 394 -12.61 -1.93 7.61
C ARG A 394 -11.67 -2.91 6.94
N PRO A 395 -11.14 -2.56 5.75
CA PRO A 395 -10.18 -3.51 5.18
C PRO A 395 -8.97 -3.75 6.08
N HIS A 396 -8.41 -4.96 6.00
CA HIS A 396 -7.26 -5.31 6.83
C HIS A 396 -6.03 -4.65 6.21
N HIS A 397 -5.75 -3.42 6.64
CA HIS A 397 -4.71 -2.63 5.99
C HIS A 397 -4.18 -1.64 7.04
N ARG A 398 -2.90 -1.79 7.44
CA ARG A 398 -2.35 -0.96 8.54
C ARG A 398 -2.38 0.55 8.27
N THR A 399 -1.93 0.95 7.08
CA THR A 399 -1.76 2.39 6.85
C THR A 399 -3.11 3.08 6.64
N ALA A 400 -4.07 2.43 5.97
CA ALA A 400 -5.38 3.04 5.81
C ALA A 400 -6.06 3.17 7.16
N HIS A 401 -5.87 2.17 8.02
CA HIS A 401 -6.49 2.21 9.36
C HIS A 401 -5.89 3.38 10.15
N GLY A 402 -4.57 3.42 10.26
CA GLY A 402 -3.88 4.55 10.87
C GLY A 402 -3.84 4.52 12.39
N SER A 403 -3.65 3.35 12.98
CA SER A 403 -3.50 3.24 14.44
C SER A 403 -2.26 3.98 14.92
N TRP A 404 -2.40 4.77 16.00
CA TRP A 404 -1.23 5.35 16.67
C TRP A 404 -0.76 4.54 17.87
N ALA A 405 -1.45 3.45 18.18
CA ALA A 405 -1.31 2.75 19.44
C ALA A 405 -1.03 1.26 19.29
N ASP A 406 -0.58 0.85 18.11
CA ASP A 406 -0.23 -0.55 17.84
C ASP A 406 -1.43 -1.45 18.20
N SER A 407 -2.62 -1.10 17.67
CA SER A 407 -3.83 -1.86 17.89
C SER A 407 -4.82 -1.79 16.72
N GLN A 408 -5.34 -2.93 16.30
CA GLN A 408 -6.33 -2.96 15.24
C GLN A 408 -7.63 -2.30 15.66
N MET A 409 -7.90 -2.18 16.95
N MET A 409 -7.84 -2.19 16.95
CA MET A 409 -9.19 -1.65 17.37
CA MET A 409 -9.12 -1.73 17.49
C MET A 409 -9.13 -0.18 17.77
C MET A 409 -9.11 -0.22 17.80
N GLU A 410 -7.94 0.40 17.74
CA GLU A 410 -7.79 1.83 18.04
C GLU A 410 -7.10 2.59 16.91
N PRO A 411 -7.84 3.48 16.20
CA PRO A 411 -9.26 3.81 16.39
C PRO A 411 -10.21 2.72 15.85
N PRO A 412 -11.47 2.77 16.28
CA PRO A 412 -12.42 1.74 15.84
C PRO A 412 -12.89 1.91 14.38
N GLU A 413 -12.66 3.09 13.79
CA GLU A 413 -12.94 3.31 12.37
C GLU A 413 -11.64 3.67 11.67
N HIS A 414 -11.49 3.32 10.39
CA HIS A 414 -10.30 3.68 9.64
C HIS A 414 -10.17 5.18 9.49
N ARG A 415 -8.94 5.69 9.58
CA ARG A 415 -8.73 7.12 9.38
C ARG A 415 -8.76 7.49 7.91
N HIS A 416 -8.47 6.52 7.04
CA HIS A 416 -8.41 6.84 5.61
C HIS A 416 -9.23 5.85 4.77
N VAL A 417 -9.62 6.31 3.58
CA VAL A 417 -10.37 5.47 2.64
C VAL A 417 -9.41 4.89 1.60
N LEU A 418 -9.26 3.56 1.65
CA LEU A 418 -8.42 2.82 0.71
C LEU A 418 -9.13 2.61 -0.65
N TYR A 419 -9.38 3.70 -1.38
CA TYR A 419 -10.22 3.61 -2.61
C TYR A 419 -9.71 2.55 -3.55
N GLY A 420 -10.64 1.72 -4.03
CA GLY A 420 -10.34 0.81 -5.11
C GLY A 420 -9.93 -0.58 -4.69
N ALA A 421 -9.63 -0.77 -3.40
CA ALA A 421 -9.19 -2.11 -2.96
C ALA A 421 -10.31 -3.13 -3.09
N LEU A 422 -10.02 -4.22 -3.84
CA LEU A 422 -10.94 -5.36 -3.90
C LEU A 422 -10.69 -6.27 -2.71
N VAL A 423 -11.70 -6.50 -1.86
CA VAL A 423 -11.47 -7.31 -0.65
C VAL A 423 -11.53 -8.83 -0.99
N GLY A 424 -11.20 -9.66 -0.01
CA GLY A 424 -11.25 -11.11 -0.18
C GLY A 424 -12.63 -11.57 -0.66
N GLY A 425 -13.70 -11.13 -0.01
CA GLY A 425 -15.00 -11.56 -0.44
C GLY A 425 -15.71 -12.58 0.43
N PRO A 426 -16.80 -13.14 -0.09
CA PRO A 426 -17.70 -13.97 0.72
C PRO A 426 -17.32 -15.45 0.73
N ASP A 427 -17.99 -16.21 1.56
CA ASP A 427 -17.90 -17.67 1.52
C ASP A 427 -18.80 -18.23 0.42
N SER A 428 -18.89 -19.55 0.32
CA SER A 428 -19.49 -20.14 -0.87
C SER A 428 -21.01 -19.99 -0.91
N THR A 429 -21.61 -19.44 0.14
CA THR A 429 -23.05 -19.12 0.14
C THR A 429 -23.30 -17.61 0.34
N ASP A 430 -22.35 -16.80 -0.13
CA ASP A 430 -22.48 -15.33 -0.23
C ASP A 430 -22.38 -14.58 1.11
N ASN A 431 -21.97 -15.27 2.17
CA ASN A 431 -21.82 -14.62 3.48
C ASN A 431 -20.51 -13.86 3.61
N TYR A 432 -20.63 -12.61 4.08
CA TYR A 432 -19.48 -11.71 4.20
C TYR A 432 -19.68 -10.79 5.39
N THR A 433 -18.61 -10.54 6.15
CA THR A 433 -18.63 -9.57 7.23
C THR A 433 -17.50 -8.54 7.14
N ASP A 434 -17.85 -7.26 7.32
CA ASP A 434 -16.87 -6.17 7.20
C ASP A 434 -16.16 -5.91 8.53
N ASP A 435 -15.13 -6.70 8.78
CA ASP A 435 -14.46 -6.72 10.07
C ASP A 435 -12.95 -6.75 9.82
N ILE A 436 -12.20 -5.87 10.48
CA ILE A 436 -10.75 -5.72 10.21
C ILE A 436 -9.92 -7.00 10.47
N SER A 437 -10.40 -7.83 11.40
N SER A 437 -10.40 -7.84 11.40
CA SER A 437 -9.71 -9.07 11.74
CA SER A 437 -9.71 -9.09 11.76
C SER A 437 -10.09 -10.24 10.82
C SER A 437 -10.31 -10.34 11.09
N ASN A 438 -11.26 -10.16 10.18
CA ASN A 438 -11.76 -11.29 9.38
C ASN A 438 -10.97 -11.43 8.09
N TYR A 439 -10.05 -12.40 8.05
CA TYR A 439 -9.11 -12.50 6.93
C TYR A 439 -9.71 -12.95 5.61
N THR A 440 -10.56 -13.98 5.61
CA THR A 440 -11.07 -14.42 4.33
C THR A 440 -11.85 -13.24 3.73
N CYS A 441 -12.55 -12.48 4.57
CA CYS A 441 -13.44 -11.43 4.06
C CYS A 441 -12.66 -10.21 3.60
N ASN A 442 -11.74 -9.73 4.44
CA ASN A 442 -11.27 -8.34 4.37
C ASN A 442 -9.79 -8.14 4.06
N GLU A 443 -9.09 -9.21 3.72
N GLU A 443 -9.13 -9.22 3.67
CA GLU A 443 -7.74 -9.10 3.14
CA GLU A 443 -7.79 -9.12 3.10
C GLU A 443 -7.84 -8.22 1.89
C GLU A 443 -7.84 -8.23 1.86
N VAL A 444 -6.78 -7.47 1.64
CA VAL A 444 -6.63 -6.72 0.37
C VAL A 444 -5.20 -6.99 -0.12
N ALA A 445 -4.92 -6.81 -1.41
CA ALA A 445 -3.58 -7.14 -1.90
C ALA A 445 -3.34 -6.70 -3.33
N CYS A 446 -2.06 -6.48 -3.66
CA CYS A 446 -1.68 -6.14 -5.03
C CYS A 446 -2.30 -7.16 -6.01
N ASP A 447 -2.18 -8.44 -5.72
CA ASP A 447 -2.59 -9.44 -6.70
C ASP A 447 -4.12 -9.52 -6.76
N TYR A 448 -4.82 -9.12 -5.68
CA TYR A 448 -6.29 -9.08 -5.71
C TYR A 448 -6.75 -8.07 -6.76
N ASN A 449 -6.03 -6.96 -6.89
CA ASN A 449 -6.51 -5.89 -7.77
C ASN A 449 -6.04 -6.03 -9.22
N ALA A 450 -5.07 -6.92 -9.49
CA ALA A 450 -4.36 -6.81 -10.76
C ALA A 450 -5.21 -7.27 -11.98
N GLY A 451 -5.72 -8.50 -11.94
CA GLY A 451 -6.62 -8.95 -12.98
C GLY A 451 -7.89 -8.11 -12.98
N PHE A 452 -8.31 -7.64 -11.80
CA PHE A 452 -9.55 -6.86 -11.67
C PHE A 452 -9.45 -5.59 -12.52
N VAL A 453 -8.31 -4.92 -12.50
CA VAL A 453 -8.10 -3.71 -13.34
C VAL A 453 -8.34 -4.03 -14.84
N GLY A 454 -7.78 -5.15 -15.34
CA GLY A 454 -8.02 -5.51 -16.74
C GLY A 454 -9.49 -5.78 -17.03
N LEU A 455 -10.18 -6.50 -16.14
CA LEU A 455 -11.61 -6.76 -16.31
C LEU A 455 -12.40 -5.43 -16.41
N LEU A 456 -12.07 -4.49 -15.53
CA LEU A 456 -12.76 -3.22 -15.50
C LEU A 456 -12.48 -2.42 -16.77
N ALA A 457 -11.27 -2.50 -17.31
CA ALA A 457 -10.98 -1.82 -18.57
C ALA A 457 -11.89 -2.32 -19.70
N LYS A 458 -12.09 -3.62 -19.81
CA LYS A 458 -12.96 -4.15 -20.86
C LYS A 458 -14.41 -3.74 -20.59
N MET A 459 -14.84 -3.79 -19.34
CA MET A 459 -16.24 -3.41 -19.03
C MET A 459 -16.45 -1.95 -19.38
N TYR A 460 -15.48 -1.09 -19.06
CA TYR A 460 -15.58 0.31 -19.44
C TYR A 460 -15.65 0.45 -20.97
N LYS A 461 -14.80 -0.28 -21.70
CA LYS A 461 -14.89 -0.27 -23.17
C LYS A 461 -16.28 -0.65 -23.67
N LEU A 462 -16.87 -1.69 -23.09
CA LEU A 462 -18.15 -2.21 -23.54
C LEU A 462 -19.33 -1.29 -23.24
N TYR A 463 -19.28 -0.66 -22.07
CA TYR A 463 -20.44 0.01 -21.49
C TYR A 463 -20.28 1.49 -21.17
N GLY A 464 -19.05 1.98 -21.08
CA GLY A 464 -18.82 3.32 -20.55
C GLY A 464 -18.30 4.35 -21.54
N GLU A 465 -18.12 3.95 -22.78
CA GLU A 465 -17.39 4.81 -23.74
C GLU A 465 -18.26 5.75 -24.57
N LEU A 466 -19.56 5.51 -24.61
CA LEU A 466 -20.43 6.42 -25.37
C LEU A 466 -21.09 7.44 -24.46
N GLY B 2 -18.37 8.12 -21.96
CA GLY B 2 -18.05 8.95 -20.81
C GLY B 2 -16.72 8.61 -20.15
N SER B 3 -16.42 9.27 -19.04
CA SER B 3 -15.18 9.05 -18.32
C SER B 3 -15.41 9.49 -16.89
N PRO B 4 -14.70 8.88 -15.94
CA PRO B 4 -14.91 9.23 -14.52
C PRO B 4 -14.51 10.65 -14.16
N ASP B 5 -15.11 11.16 -13.09
CA ASP B 5 -14.87 12.51 -12.60
C ASP B 5 -13.37 12.66 -12.33
N PRO B 6 -12.69 13.53 -13.09
CA PRO B 6 -11.22 13.70 -12.91
C PRO B 6 -10.85 14.44 -11.61
N LYS B 7 -11.83 14.97 -10.87
CA LYS B 7 -11.54 15.62 -9.58
C LYS B 7 -11.19 14.61 -8.49
N PHE B 8 -11.44 13.33 -8.76
CA PHE B 8 -11.28 12.28 -7.76
C PHE B 8 -9.89 12.31 -7.16
N ASN B 9 -9.83 12.24 -5.83
CA ASN B 9 -8.56 12.08 -5.15
C ASN B 9 -8.75 11.59 -3.71
N GLY B 10 -7.63 11.26 -3.07
CA GLY B 10 -7.64 10.85 -1.66
C GLY B 10 -7.00 11.90 -0.78
N ILE B 11 -7.16 13.17 -1.14
CA ILE B 11 -6.67 14.27 -0.30
C ILE B 11 -7.77 14.56 0.69
N GLU B 12 -7.59 14.04 1.90
CA GLU B 12 -8.68 13.97 2.86
C GLU B 12 -8.65 15.20 3.78
N GLU B 13 -9.81 15.50 4.35
CA GLU B 13 -9.90 16.50 5.39
C GLU B 13 -9.16 15.97 6.60
N VAL B 14 -8.31 16.81 7.18
CA VAL B 14 -7.64 16.43 8.41
C VAL B 14 -8.57 16.72 9.60
N PRO B 15 -9.14 15.66 10.19
CA PRO B 15 -10.30 15.87 11.06
C PRO B 15 -9.94 16.21 12.50
N GLU B 16 -8.65 16.16 12.83
N GLU B 16 -8.64 16.18 12.81
CA GLU B 16 -8.23 16.40 14.21
CA GLU B 16 -8.17 16.25 14.20
C GLU B 16 -6.81 16.95 14.24
C GLU B 16 -6.77 16.88 14.25
N ASP B 17 -6.40 17.44 15.41
CA ASP B 17 -5.07 18.05 15.56
C ASP B 17 -4.05 16.93 15.71
N GLU B 18 -3.06 16.87 14.83
CA GLU B 18 -2.17 15.71 14.81
C GLU B 18 -1.08 15.78 15.85
N ILE B 19 -0.53 16.97 16.05
CA ILE B 19 0.57 17.13 17.00
C ILE B 19 0.17 18.27 17.97
N PHE B 20 0.26 18.00 19.28
CA PHE B 20 -0.21 18.96 20.30
C PHE B 20 0.32 18.55 21.67
N VAL B 21 0.24 19.48 22.62
CA VAL B 21 0.57 19.18 23.99
C VAL B 21 -0.71 19.15 24.81
N GLU B 22 -0.83 18.13 25.67
CA GLU B 22 -1.80 18.15 26.77
C GLU B 22 -1.13 18.49 28.08
N ALA B 23 -1.76 19.30 28.91
CA ALA B 23 -1.07 19.72 30.12
C ALA B 23 -2.02 19.86 31.28
N GLY B 24 -1.46 19.85 32.47
CA GLY B 24 -2.22 19.98 33.72
C GLY B 24 -1.28 20.43 34.84
N VAL B 25 -1.83 20.78 35.98
CA VAL B 25 -1.02 21.20 37.11
C VAL B 25 -0.68 19.96 37.90
N ASN B 26 0.61 19.65 37.98
CA ASN B 26 1.10 18.50 38.73
C ASN B 26 1.27 18.76 40.23
N ALA B 27 1.67 19.99 40.58
CA ALA B 27 1.79 20.41 41.97
C ALA B 27 1.79 21.91 41.98
N SER B 28 1.48 22.53 43.13
CA SER B 28 1.52 24.01 43.18
C SER B 28 1.77 24.45 44.61
N GLY B 29 2.27 25.68 44.75
CA GLY B 29 2.42 26.27 46.09
C GLY B 29 2.40 27.76 45.94
N ASN B 30 2.67 28.45 47.04
CA ASN B 30 2.53 29.89 47.05
C ASN B 30 3.47 30.54 46.05
N ASN B 31 4.66 29.95 45.95
CA ASN B 31 5.74 30.55 45.15
C ASN B 31 6.12 29.73 43.92
N PHE B 32 5.34 28.73 43.54
CA PHE B 32 5.69 27.92 42.35
C PHE B 32 4.49 27.27 41.66
N ILE B 33 4.73 26.84 40.44
CA ILE B 33 3.77 25.99 39.73
C ILE B 33 4.58 24.86 39.08
N GLU B 34 4.04 23.64 39.07
CA GLU B 34 4.70 22.51 38.42
C GLU B 34 3.72 21.90 37.45
N ILE B 35 4.15 21.80 36.19
CA ILE B 35 3.27 21.41 35.09
C ILE B 35 3.58 19.98 34.66
N LYS B 36 2.54 19.18 34.43
CA LYS B 36 2.70 17.90 33.74
C LYS B 36 2.27 18.17 32.31
N ALA B 37 3.13 17.85 31.35
CA ALA B 37 2.85 18.07 29.93
C ALA B 37 3.13 16.78 29.16
N ILE B 38 2.24 16.44 28.22
CA ILE B 38 2.38 15.21 27.43
C ILE B 38 2.34 15.64 25.99
N VAL B 39 3.46 15.50 25.29
CA VAL B 39 3.50 15.86 23.88
C VAL B 39 3.08 14.66 23.02
N ASN B 40 2.17 14.90 22.09
CA ASN B 40 1.50 13.86 21.32
C ASN B 40 1.84 14.01 19.85
N ASN B 41 2.15 12.88 19.20
CA ASN B 41 2.23 12.84 17.75
C ASN B 41 1.30 11.72 17.29
N LYS B 42 0.05 12.08 16.98
CA LYS B 42 -0.92 11.13 16.43
C LYS B 42 -1.10 11.40 14.92
N SER B 43 0.00 11.71 14.23
CA SER B 43 -0.08 12.09 12.82
C SER B 43 -0.68 11.00 11.96
N GLY B 44 -1.40 11.44 10.92
CA GLY B 44 -2.06 10.51 10.00
C GLY B 44 -2.11 10.99 8.57
N TRP B 45 -1.81 12.27 8.30
CA TRP B 45 -2.02 12.86 6.96
C TRP B 45 -0.78 13.59 6.44
N PRO B 46 0.34 12.88 6.28
CA PRO B 46 0.57 11.45 6.57
C PRO B 46 1.11 11.21 7.98
N ALA B 47 1.05 9.96 8.45
CA ALA B 47 1.82 9.61 9.65
C ALA B 47 3.29 9.94 9.40
N ARG B 48 4.01 10.34 10.45
N ARG B 48 4.00 10.38 10.45
CA ARG B 48 5.41 10.72 10.31
CA ARG B 48 5.43 10.66 10.34
C ARG B 48 6.12 10.66 11.66
C ARG B 48 6.10 10.56 11.68
N VAL B 49 7.41 10.32 11.65
CA VAL B 49 8.19 10.27 12.89
C VAL B 49 8.68 11.71 13.14
N CYS B 50 8.56 12.21 14.37
CA CYS B 50 9.10 13.54 14.70
C CYS B 50 10.22 13.42 15.74
N GLU B 51 11.42 13.88 15.41
CA GLU B 51 12.54 13.80 16.35
C GLU B 51 13.14 15.18 16.68
N ASN B 52 12.41 16.24 16.34
CA ASN B 52 12.83 17.60 16.67
C ASN B 52 11.69 18.45 17.22
N LEU B 53 10.87 17.87 18.06
CA LEU B 53 9.72 18.62 18.61
C LEU B 53 10.15 19.35 19.89
N SER B 54 9.56 20.53 20.08
CA SER B 54 9.77 21.32 21.29
C SER B 54 8.46 22.03 21.58
N PHE B 55 8.29 22.52 22.81
CA PHE B 55 7.12 23.35 23.08
C PHE B 55 7.51 24.48 24.04
N ARG B 56 6.66 25.49 24.17
CA ARG B 56 6.98 26.64 25.02
C ARG B 56 5.82 26.93 25.95
N TYR B 57 6.14 27.10 27.24
CA TYR B 57 5.15 27.41 28.25
C TYR B 57 5.38 28.84 28.71
N PHE B 58 4.42 29.72 28.41
CA PHE B 58 4.54 31.15 28.64
C PHE B 58 3.94 31.63 29.97
N ILE B 59 4.72 32.42 30.69
CA ILE B 59 4.28 33.02 31.94
C ILE B 59 4.34 34.55 31.81
N ASN B 60 3.66 35.22 32.74
CA ASN B 60 3.72 36.69 32.86
C ASN B 60 4.37 36.99 34.20
N ILE B 61 5.50 37.69 34.23
CA ILE B 61 6.16 37.96 35.51
C ILE B 61 5.88 39.36 36.11
N GLU B 62 4.79 39.98 35.68
CA GLU B 62 4.39 41.28 36.21
C GLU B 62 4.44 41.31 37.75
N GLU B 63 3.91 40.28 38.41
CA GLU B 63 3.83 40.31 39.86
C GLU B 63 5.19 40.13 40.52
N ILE B 64 6.11 39.50 39.80
CA ILE B 64 7.48 39.32 40.27
C ILE B 64 8.23 40.64 40.21
N VAL B 65 8.10 41.31 39.06
CA VAL B 65 8.73 42.61 38.88
C VAL B 65 8.17 43.62 39.87
N ASN B 66 6.86 43.61 40.07
CA ASN B 66 6.23 44.60 40.96
C ASN B 66 6.60 44.34 42.41
N ALA B 67 7.19 43.19 42.67
CA ALA B 67 7.68 42.88 44.02
C ALA B 67 9.13 43.24 44.16
N GLY B 68 9.70 43.87 43.13
CA GLY B 68 11.10 44.25 43.17
C GLY B 68 12.05 43.12 42.84
N LYS B 69 11.53 42.04 42.25
CA LYS B 69 12.40 40.95 41.79
C LYS B 69 12.44 40.90 40.25
N SER B 70 13.15 39.93 39.67
CA SER B 70 13.27 39.85 38.21
C SER B 70 13.27 38.40 37.74
N ALA B 71 13.34 38.21 36.42
CA ALA B 71 13.30 36.85 35.86
C ALA B 71 14.46 36.01 36.41
N SER B 72 15.57 36.65 36.76
CA SER B 72 16.73 35.88 37.24
C SER B 72 16.45 35.26 38.60
N ASP B 73 15.41 35.73 39.29
CA ASP B 73 15.02 35.09 40.56
C ASP B 73 14.13 33.84 40.38
N LEU B 74 13.72 33.54 39.15
CA LEU B 74 12.95 32.31 38.90
C LEU B 74 13.93 31.14 38.69
N GLN B 75 13.51 29.94 39.08
CA GLN B 75 14.33 28.74 38.93
C GLN B 75 13.48 27.64 38.29
N VAL B 76 14.01 27.01 37.25
CA VAL B 76 13.30 25.94 36.53
C VAL B 76 13.92 24.65 37.06
N SER B 77 13.10 23.70 37.47
CA SER B 77 13.61 22.40 37.98
C SER B 77 12.72 21.24 37.57
N SER B 78 13.26 20.03 37.71
CA SER B 78 12.48 18.83 37.43
C SER B 78 13.22 17.61 37.95
N SER B 79 12.49 16.62 38.45
CA SER B 79 13.06 15.30 38.65
C SER B 79 12.46 14.25 37.68
N TYR B 80 11.86 14.72 36.59
CA TYR B 80 11.15 13.87 35.61
C TYR B 80 11.23 14.41 34.18
N ASN B 81 12.36 14.18 33.50
CA ASN B 81 12.52 14.77 32.17
C ASN B 81 13.52 14.00 31.30
N GLN B 82 13.36 12.69 31.22
CA GLN B 82 14.26 11.93 30.38
C GLN B 82 13.91 12.30 28.95
N GLY B 83 14.93 12.62 28.16
CA GLY B 83 14.75 12.90 26.76
C GLY B 83 14.25 14.30 26.49
N ALA B 84 14.14 15.11 27.54
CA ALA B 84 13.68 16.50 27.40
C ALA B 84 14.65 17.45 28.07
N LYS B 85 15.09 18.47 27.35
CA LYS B 85 15.89 19.53 27.95
C LYS B 85 14.95 20.67 28.33
N LEU B 86 15.14 21.24 29.52
CA LEU B 86 14.31 22.37 29.95
C LEU B 86 15.18 23.62 29.96
N SER B 87 14.73 24.68 29.29
CA SER B 87 15.49 25.95 29.30
C SER B 87 15.29 26.68 30.63
N ASP B 88 16.16 27.64 30.97
CA ASP B 88 15.81 28.66 31.95
C ASP B 88 14.69 29.55 31.39
N VAL B 89 14.10 30.43 32.20
CA VAL B 89 13.07 31.33 31.63
C VAL B 89 13.72 32.24 30.60
N LYS B 90 13.03 32.46 29.50
N LYS B 90 13.04 32.43 29.49
CA LYS B 90 13.57 33.26 28.40
CA LYS B 90 13.53 33.23 28.37
C LYS B 90 12.58 34.36 28.05
C LYS B 90 12.57 34.39 28.15
N HIS B 91 13.10 35.55 27.78
CA HIS B 91 12.23 36.69 27.52
C HIS B 91 11.53 36.57 26.15
N TYR B 92 10.23 36.85 26.12
CA TYR B 92 9.48 36.95 24.89
C TYR B 92 9.32 38.46 24.58
N LYS B 93 8.35 39.12 25.21
CA LYS B 93 8.12 40.57 24.99
C LYS B 93 7.50 41.08 26.26
N ASP B 94 7.76 42.36 26.62
CA ASP B 94 7.07 42.97 27.76
C ASP B 94 7.45 42.12 29.01
N ASN B 95 6.52 41.72 29.88
N ASN B 95 6.42 41.70 29.75
CA ASN B 95 6.93 40.86 30.97
CA ASN B 95 6.57 40.91 30.96
C ASN B 95 6.52 39.39 30.69
C ASN B 95 6.41 39.41 30.69
N ILE B 96 6.36 39.04 29.42
CA ILE B 96 6.04 37.65 29.04
C ILE B 96 7.38 36.88 28.87
N TYR B 97 7.52 35.75 29.57
CA TYR B 97 8.73 34.90 29.47
C TYR B 97 8.24 33.48 29.19
N TYR B 98 9.12 32.58 28.80
CA TYR B 98 8.70 31.20 28.60
C TYR B 98 9.80 30.22 28.99
N VAL B 99 9.39 28.99 29.29
CA VAL B 99 10.29 27.85 29.43
C VAL B 99 10.13 27.05 28.14
N GLU B 100 11.24 26.80 27.44
N GLU B 100 11.24 26.72 27.48
CA GLU B 100 11.26 25.91 26.29
CA GLU B 100 11.19 25.93 26.27
C GLU B 100 11.54 24.51 26.77
C GLU B 100 11.64 24.53 26.59
N VAL B 101 10.77 23.56 26.27
CA VAL B 101 11.00 22.18 26.57
C VAL B 101 11.32 21.48 25.25
N ASP B 102 12.53 20.97 25.14
CA ASP B 102 13.01 20.50 23.85
C ASP B 102 13.21 18.99 23.85
N LEU B 103 12.42 18.31 23.02
CA LEU B 103 12.49 16.84 22.95
C LEU B 103 13.26 16.37 21.72
N SER B 104 14.06 17.27 21.15
CA SER B 104 14.85 16.91 19.97
C SER B 104 15.74 15.70 20.34
N GLY B 105 15.88 14.75 19.40
CA GLY B 105 16.67 13.57 19.64
C GLY B 105 15.85 12.40 20.17
N THR B 106 14.60 12.67 20.53
CA THR B 106 13.68 11.61 20.93
C THR B 106 12.64 11.40 19.84
N LYS B 107 12.48 10.16 19.35
CA LYS B 107 11.50 9.87 18.29
C LYS B 107 10.12 9.74 18.90
N ILE B 108 9.20 10.56 18.43
CA ILE B 108 7.81 10.53 18.88
C ILE B 108 6.96 10.28 17.63
N TYR B 109 6.15 9.23 17.63
CA TYR B 109 5.51 8.77 16.38
C TYR B 109 4.31 7.90 16.71
N PRO B 110 3.34 7.85 15.78
CA PRO B 110 2.11 7.08 16.02
C PRO B 110 2.35 5.58 15.81
N GLY B 111 3.07 4.95 16.73
CA GLY B 111 3.45 3.55 16.58
C GLY B 111 3.35 2.68 17.81
N GLY B 112 2.55 3.08 18.81
CA GLY B 112 2.46 2.32 20.05
C GLY B 112 2.23 3.25 21.24
N GLN B 113 1.77 2.67 22.34
CA GLN B 113 1.37 3.48 23.51
C GLN B 113 2.50 4.34 24.06
N SER B 114 3.72 3.82 24.04
CA SER B 114 4.87 4.56 24.56
C SER B 114 5.55 5.40 23.51
N ALA B 115 5.15 5.22 22.25
CA ALA B 115 5.77 5.96 21.16
C ALA B 115 5.07 7.25 20.80
N TYR B 116 3.73 7.28 20.84
CA TYR B 116 3.01 8.46 20.32
C TYR B 116 2.95 9.63 21.32
N LYS B 117 3.35 9.37 22.56
N LYS B 117 3.34 9.41 22.56
CA LYS B 117 3.31 10.38 23.61
CA LYS B 117 3.26 10.48 23.57
C LYS B 117 4.58 10.33 24.45
C LYS B 117 4.35 10.33 24.63
N LYS B 118 4.93 11.48 25.00
CA LYS B 118 6.06 11.53 25.93
C LYS B 118 5.68 12.54 26.99
N GLU B 119 5.84 12.15 28.26
CA GLU B 119 5.49 13.04 29.38
C GLU B 119 6.72 13.76 29.89
N VAL B 120 6.55 15.05 30.22
CA VAL B 120 7.61 15.87 30.81
C VAL B 120 6.98 16.55 32.03
N GLN B 121 7.75 16.74 33.10
CA GLN B 121 7.24 17.53 34.23
C GLN B 121 8.27 18.62 34.49
N PHE B 122 7.83 19.86 34.72
CA PHE B 122 8.81 20.93 35.03
C PHE B 122 8.18 21.88 36.05
N ARG B 123 9.00 22.48 36.91
CA ARG B 123 8.54 23.39 37.93
C ARG B 123 9.19 24.76 37.71
N ILE B 124 8.43 25.82 37.88
CA ILE B 124 8.96 27.21 37.88
C ILE B 124 8.72 27.77 39.27
N SER B 125 9.79 28.12 39.98
N SER B 125 9.78 28.21 39.95
CA SER B 125 9.67 28.64 41.34
CA SER B 125 9.66 28.61 41.35
C SER B 125 10.26 30.03 41.46
C SER B 125 10.35 29.93 41.66
N ALA B 126 9.60 30.84 42.28
CA ALA B 126 10.12 32.10 42.75
C ALA B 126 10.68 31.85 44.16
N PRO B 127 11.41 32.83 44.72
CA PRO B 127 11.94 32.62 46.06
C PRO B 127 10.84 32.42 47.13
N GLU B 128 11.17 31.71 48.19
CA GLU B 128 10.29 31.61 49.33
C GLU B 128 9.76 33.01 49.72
N GLY B 129 8.45 33.10 49.94
CA GLY B 129 7.92 34.36 50.43
C GLY B 129 7.52 35.33 49.33
N THR B 130 7.92 35.04 48.09
CA THR B 130 7.57 35.83 46.89
C THR B 130 6.31 35.28 46.21
N VAL B 131 5.33 36.15 45.99
CA VAL B 131 4.08 35.68 45.38
C VAL B 131 4.34 35.28 43.91
N PHE B 132 3.96 34.05 43.55
CA PHE B 132 4.00 33.59 42.17
C PHE B 132 2.54 33.43 41.77
N ASN B 133 2.07 34.26 40.83
CA ASN B 133 0.66 34.19 40.41
C ASN B 133 0.53 33.54 39.05
N PRO B 134 0.04 32.29 38.99
CA PRO B 134 -0.14 31.63 37.70
C PRO B 134 -1.33 32.18 36.89
N GLU B 135 -2.25 32.91 37.54
CA GLU B 135 -3.52 33.24 36.87
C GLU B 135 -3.36 34.23 35.74
N ASN B 136 -2.29 35.00 35.75
CA ASN B 136 -2.03 35.93 34.63
C ASN B 136 -1.06 35.36 33.59
N ASP B 137 -0.74 34.08 33.70
CA ASP B 137 0.21 33.45 32.76
C ASP B 137 -0.53 32.91 31.54
N TYR B 138 -0.11 33.28 30.35
CA TYR B 138 -0.76 32.82 29.11
C TYR B 138 -0.97 31.32 29.04
N SER B 139 0.04 30.51 29.36
CA SER B 139 -0.10 29.07 29.14
C SER B 139 -0.81 28.36 30.28
N TYR B 140 -1.22 29.11 31.31
CA TYR B 140 -1.95 28.51 32.43
C TYR B 140 -3.45 28.41 32.15
N GLN B 141 -3.90 29.09 31.10
CA GLN B 141 -5.34 29.22 30.84
C GLN B 141 -5.95 27.85 30.64
N GLY B 142 -7.01 27.53 31.38
CA GLY B 142 -7.71 26.26 31.20
C GLY B 142 -7.00 25.03 31.75
N LEU B 143 -5.92 25.22 32.52
CA LEU B 143 -5.30 24.06 33.17
C LEU B 143 -5.93 23.77 34.55
N SER B 144 -5.91 22.48 34.91
CA SER B 144 -6.43 21.96 36.17
C SER B 144 -5.44 21.04 36.83
N ALA B 145 -5.59 20.90 38.14
CA ALA B 145 -4.84 19.95 38.93
C ALA B 145 -5.28 18.52 38.61
N GLY B 146 -4.31 17.62 38.45
CA GLY B 146 -4.59 16.19 38.38
C GLY B 146 -5.19 15.69 37.08
N THR B 147 -5.06 16.44 36.00
CA THR B 147 -5.63 16.03 34.74
C THR B 147 -4.82 16.69 33.66
N VAL B 148 -4.78 16.12 32.46
CA VAL B 148 -4.16 16.83 31.34
C VAL B 148 -5.19 17.05 30.25
N VAL B 149 -5.12 18.23 29.60
CA VAL B 149 -5.97 18.58 28.49
C VAL B 149 -5.19 19.24 27.38
N LYS B 150 -5.61 18.98 26.15
CA LYS B 150 -4.99 19.63 25.00
C LYS B 150 -5.11 21.15 25.15
N SER B 151 -4.02 21.85 24.85
CA SER B 151 -4.00 23.31 24.98
C SER B 151 -3.40 24.00 23.75
N GLU B 152 -4.15 24.93 23.18
CA GLU B 152 -3.67 25.78 22.10
C GLU B 152 -2.74 26.89 22.63
N TYR B 153 -2.63 27.00 23.94
CA TYR B 153 -1.81 28.09 24.52
C TYR B 153 -0.40 27.59 24.91
N ILE B 154 -0.06 26.36 24.53
CA ILE B 154 1.30 25.83 24.73
C ILE B 154 1.80 25.42 23.36
N PRO B 155 2.34 26.39 22.62
CA PRO B 155 2.57 26.05 21.21
C PRO B 155 3.71 25.06 20.99
N VAL B 156 3.55 24.28 19.94
CA VAL B 156 4.51 23.22 19.60
C VAL B 156 5.26 23.60 18.35
N TYR B 157 6.54 23.25 18.33
CA TYR B 157 7.46 23.61 17.26
C TYR B 157 8.15 22.38 16.72
N ASP B 158 8.45 22.39 15.44
CA ASP B 158 9.15 21.29 14.80
C ASP B 158 10.41 21.90 14.20
N ALA B 159 11.56 21.53 14.75
CA ALA B 159 12.81 22.21 14.45
C ALA B 159 12.68 23.72 14.54
N GLY B 160 11.93 24.21 15.52
CA GLY B 160 11.83 25.63 15.82
C GLY B 160 10.77 26.38 15.03
N VAL B 161 10.02 25.64 14.21
CA VAL B 161 8.95 26.20 13.40
C VAL B 161 7.57 25.87 13.98
N LEU B 162 6.77 26.88 14.25
CA LEU B 162 5.46 26.66 14.89
C LEU B 162 4.56 25.76 14.07
N VAL B 163 4.13 24.65 14.66
CA VAL B 163 3.19 23.77 14.00
C VAL B 163 1.85 23.63 14.68
N PHE B 164 1.72 23.98 15.97
CA PHE B 164 0.39 23.92 16.60
C PHE B 164 0.29 24.94 17.71
N GLY B 165 -0.90 25.52 17.92
CA GLY B 165 -1.08 26.52 18.95
C GLY B 165 -0.62 27.91 18.54
N ARG B 166 -0.67 28.83 19.50
CA ARG B 166 -0.35 30.22 19.20
C ARG B 166 0.49 30.82 20.28
N GLU B 167 1.43 31.66 19.88
CA GLU B 167 2.15 32.51 20.84
C GLU B 167 1.25 33.66 21.30
N PRO B 168 1.57 34.26 22.46
CA PRO B 168 0.74 35.30 23.06
C PRO B 168 0.86 36.63 22.33
N LEU B 169 -0.02 36.82 21.36
CA LEU B 169 0.02 38.03 20.56
C LEU B 169 -1.12 38.98 20.92
N GLU B 170 -1.31 39.23 22.22
N GLU B 170 -1.29 39.26 22.21
CA GLU B 170 -2.15 40.33 22.68
CA GLU B 170 -2.13 40.36 22.67
C GLU B 170 -3.52 40.25 21.97
C GLU B 170 -3.50 40.27 21.95
N HIS B 171 -4.23 41.33 21.61
CA HIS B 171 -3.87 42.78 21.61
C HIS B 171 -2.86 43.21 20.53
N HIS B 172 -2.35 42.25 19.76
CA HIS B 172 -1.44 42.59 18.64
C HIS B 172 -1.61 41.67 17.43
N HIS B 173 -2.68 40.89 17.43
CA HIS B 173 -3.04 40.02 16.31
C HIS B 173 -4.34 39.32 16.65
#